data_4M7D
#
_entry.id   4M7D
#
_cell.length_a   125.539
_cell.length_b   78.483
_cell.length_c   142.987
_cell.angle_alpha   90.00
_cell.angle_beta   103.17
_cell.angle_gamma   90.00
#
_symmetry.space_group_name_H-M   'C 1 2 1'
#
loop_
_entity.id
_entity.type
_entity.pdbx_description
1 polymer 'U6 snRNA-associated Sm-like protein LSm8'
2 polymer 'U6 snRNA-associated Sm-like protein LSm2'
3 polymer 'U6 snRNA-associated Sm-like protein LSm3'
4 polymer 'U6 snRNA-associated Sm-like protein LSm6'
5 polymer 'U6 snRNA-associated Sm-like protein LSm5'
6 polymer 'U6 snRNA-associated Sm-like protein LSm7'
7 polymer 'U6 snRNA-associated Sm-like protein LSm4'
8 polymer 'U6 snRNA'
9 water water
#
loop_
_entity_poly.entity_id
_entity_poly.type
_entity_poly.pdbx_seq_one_letter_code
_entity_poly.pdbx_strand_id
1 'polypeptide(L)'
;MSATLKDYLNKRVVIILVDGESLIASLNGFDKNTNLFLTNVFNRISKEFISKAQLLRGSEIALVGLIDAENDDSLAPIDE
KKVPMLKDTKNKIENE
;
A,H
2 'polypeptide(L)'
;MLFFSFFKTLVDQEVVVELKNDIEIKGTLQSVDQFLNLKLDNISSTDEKKYPHLGSVRNIFIRGSTVRYVYLNKNMVDTN
LLQDATRREVMTERK
;
B,I
3 'polypeptide(L)'
;METPLDLLKLNLDERVYIKLRGARTLVGTLQAFDSHSNIVLSDAVETIYQLNNEELSESERRSEMVFIRGDTVTLISTPS
EDDDGAVEI
;
C,J
4 'polypeptide(L)'
;MSGKASTEGSVTTEFLSDIIGKTVNVKLASGLLYSGRLESIDGFMNVALSSATEHYESNNNKLLNKFNSDVFLRGTQVMY
ISEQKI
;
D,K
5 'polypeptide(L)'
;MSLPEILPLEVIDKTINQKVLIVLQSNREFEGTLVGFDDFVNVILEDAVEWLIDPEDESRNEKVMQHHGRMLLSGNNIAI
LVPGGKKTPTEAL
;
E,L
6 'polypeptide(L)'
;MHQQHSKSENKPQQQRKKFEGPKREAILDLAKYKDSKIRVKLMGGKLVIGVLKGYDQLMNLVLDDTVEYMSNPDDENNTE
LISKNARKLGLTVIRGTILVSLSSAEGSDVLYMQK
;
F,M
7 'polypeptide(L)'
;MLPLYLLTNAKGQQMQIELKNGEIIQGILTNVDNWMNLTLSNVTEYSEESAINSEDNAESSKAVKLNEIYIRGTFIKFIK
LQDNIIDKVKQQI
;
G,N
8 'polyribonucleotide' UUUCGUUU O,P
#
# COMPACT_ATOMS: atom_id res chain seq x y z
N ALA A 3 -25.79 -8.37 26.74
CA ALA A 3 -25.67 -7.38 25.66
C ALA A 3 -26.71 -7.69 24.59
N THR A 4 -27.49 -6.68 24.22
CA THR A 4 -28.56 -6.86 23.24
C THR A 4 -28.96 -5.56 22.55
N LEU A 5 -29.45 -5.70 21.31
CA LEU A 5 -29.87 -4.57 20.50
C LEU A 5 -31.36 -4.35 20.74
N LYS A 6 -31.89 -4.94 21.80
CA LYS A 6 -33.32 -4.83 22.07
C LYS A 6 -33.77 -3.40 22.29
N ASP A 7 -32.97 -2.62 23.01
CA ASP A 7 -33.38 -1.26 23.34
C ASP A 7 -33.39 -0.36 22.12
N TYR A 8 -32.90 -0.83 20.98
CA TYR A 8 -32.81 0.03 19.81
C TYR A 8 -33.94 -0.15 18.82
N LEU A 9 -34.76 -1.17 19.04
CA LEU A 9 -35.79 -1.50 18.06
C LEU A 9 -36.66 -0.31 17.74
N ASN A 10 -36.86 -0.13 16.43
CA ASN A 10 -37.73 0.91 15.88
C ASN A 10 -37.15 2.31 16.06
N LYS A 11 -35.96 2.41 16.65
CA LYS A 11 -35.36 3.72 16.83
C LYS A 11 -34.41 4.04 15.68
N ARG A 12 -34.03 5.31 15.55
CA ARG A 12 -33.03 5.65 14.55
C ARG A 12 -31.67 5.29 15.09
N VAL A 13 -30.79 4.85 14.18
CA VAL A 13 -29.45 4.43 14.52
C VAL A 13 -28.43 4.88 13.49
N VAL A 14 -27.22 5.08 13.99
CA VAL A 14 -26.02 5.24 13.20
C VAL A 14 -25.42 3.85 13.12
N ILE A 15 -24.95 3.47 11.95
CA ILE A 15 -24.25 2.21 11.79
C ILE A 15 -22.93 2.53 11.16
N ILE A 16 -21.85 2.01 11.75
CA ILE A 16 -20.55 2.11 11.12
C ILE A 16 -20.25 0.71 10.69
N LEU A 17 -19.98 0.58 9.40
CA LEU A 17 -19.58 -0.66 8.78
C LEU A 17 -18.13 -0.90 9.02
N VAL A 18 -17.67 -2.10 8.74
CA VAL A 18 -16.27 -2.39 8.96
C VAL A 18 -15.38 -1.62 7.96
N ASP A 19 -15.90 -1.26 6.79
CA ASP A 19 -15.06 -0.55 5.81
C ASP A 19 -15.07 0.94 6.11
N GLY A 20 -15.62 1.31 7.26
CA GLY A 20 -15.63 2.70 7.68
C GLY A 20 -16.76 3.48 7.04
N GLU A 21 -17.61 2.79 6.28
CA GLU A 21 -18.77 3.44 5.68
C GLU A 21 -19.81 3.70 6.75
N SER A 22 -20.65 4.71 6.52
CA SER A 22 -21.63 5.14 7.51
C SER A 22 -23.06 5.15 6.99
N LEU A 23 -23.96 4.64 7.83
CA LEU A 23 -25.41 4.63 7.57
C LEU A 23 -26.23 5.27 8.68
N ILE A 24 -27.41 5.73 8.29
CA ILE A 24 -28.47 6.18 9.18
C ILE A 24 -29.75 5.43 8.83
N ALA A 25 -30.41 4.83 9.82
CA ALA A 25 -31.59 4.02 9.49
C ALA A 25 -32.47 3.71 10.69
N SER A 26 -33.69 3.25 10.43
CA SER A 26 -34.53 2.75 11.51
C SER A 26 -34.30 1.24 11.61
N LEU A 27 -33.93 0.81 12.80
CA LEU A 27 -33.67 -0.60 13.06
C LEU A 27 -34.98 -1.33 13.36
N ASN A 28 -35.35 -2.33 12.56
CA ASN A 28 -36.64 -2.99 12.73
C ASN A 28 -36.54 -4.43 13.18
N GLY A 29 -35.55 -5.14 12.68
CA GLY A 29 -35.27 -6.51 13.08
C GLY A 29 -33.79 -6.78 13.25
N PHE A 30 -33.46 -7.76 14.08
CA PHE A 30 -32.08 -8.21 14.25
C PHE A 30 -32.01 -9.64 14.76
N ASP A 31 -31.01 -10.41 14.34
CA ASP A 31 -30.85 -11.73 14.94
C ASP A 31 -29.60 -11.88 15.80
N LYS A 32 -29.28 -13.10 16.19
CA LYS A 32 -28.18 -13.34 17.11
C LYS A 32 -26.81 -13.14 16.43
N ASN A 33 -26.77 -13.23 15.10
CA ASN A 33 -25.53 -13.01 14.36
C ASN A 33 -25.32 -11.54 13.95
N THR A 34 -26.21 -10.67 14.44
CA THR A 34 -26.25 -9.22 14.15
C THR A 34 -26.69 -8.80 12.73
N ASN A 35 -27.33 -9.75 12.03
CA ASN A 35 -27.98 -9.49 10.76
C ASN A 35 -29.06 -8.47 11.07
N LEU A 36 -29.11 -7.35 10.36
CA LEU A 36 -30.09 -6.31 10.68
C LEU A 36 -31.16 -6.22 9.64
N PHE A 37 -32.37 -5.88 10.04
CA PHE A 37 -33.38 -5.44 9.10
C PHE A 37 -33.58 -3.94 9.30
N LEU A 38 -33.43 -3.16 8.22
CA LEU A 38 -33.37 -1.70 8.30
C LEU A 38 -34.44 -1.09 7.43
N THR A 39 -34.89 0.11 7.77
CA THR A 39 -35.83 0.81 6.90
C THR A 39 -35.43 2.28 6.80
N ASN A 40 -35.68 2.85 5.64
CA ASN A 40 -35.29 4.23 5.33
C ASN A 40 -33.83 4.48 5.66
N VAL A 41 -32.98 3.86 4.86
CA VAL A 41 -31.56 3.89 5.08
C VAL A 41 -30.99 5.05 4.27
N PHE A 42 -29.93 5.66 4.80
CA PHE A 42 -29.24 6.77 4.18
C PHE A 42 -27.75 6.65 4.40
N ASN A 43 -26.95 7.30 3.55
CA ASN A 43 -25.49 7.34 3.71
C ASN A 43 -25.08 8.54 4.57
N ARG A 44 -24.64 8.30 5.81
CA ARG A 44 -24.34 9.38 6.77
C ARG A 44 -23.57 10.52 6.15
N ILE A 45 -22.45 10.15 5.52
CA ILE A 45 -21.61 11.12 4.88
C ILE A 45 -22.37 11.79 3.75
N SER A 46 -22.94 10.95 2.89
CA SER A 46 -23.54 11.41 1.66
C SER A 46 -24.93 12.01 1.84
N LYS A 47 -25.60 11.68 2.93
CA LYS A 47 -27.01 12.07 3.14
C LYS A 47 -27.87 11.65 1.95
N GLU A 48 -27.40 10.62 1.26
CA GLU A 48 -28.07 10.11 0.08
C GLU A 48 -28.94 8.91 0.42
N PHE A 49 -30.22 9.00 0.10
CA PHE A 49 -31.15 7.91 0.36
C PHE A 49 -30.76 6.63 -0.38
N ILE A 50 -30.57 5.58 0.41
CA ILE A 50 -30.17 4.28 -0.10
C ILE A 50 -31.35 3.34 -0.34
N SER A 51 -32.15 3.05 0.69
CA SER A 51 -33.26 2.13 0.48
C SER A 51 -34.43 2.30 1.45
N LYS A 52 -35.63 1.95 1.01
CA LYS A 52 -36.79 2.00 1.88
C LYS A 52 -36.76 0.80 2.81
N ALA A 53 -36.20 -0.31 2.33
CA ALA A 53 -36.02 -1.48 3.16
C ALA A 53 -34.80 -2.25 2.75
N GLN A 54 -34.03 -2.71 3.73
CA GLN A 54 -32.77 -3.34 3.39
C GLN A 54 -32.37 -4.34 4.47
N LEU A 55 -31.64 -5.36 4.05
CA LEU A 55 -31.22 -6.38 4.99
C LEU A 55 -29.70 -6.33 4.98
N LEU A 56 -29.09 -6.27 6.15
CA LEU A 56 -27.64 -6.03 6.23
C LEU A 56 -26.98 -7.11 7.06
N ARG A 57 -25.99 -7.79 6.49
CA ARG A 57 -25.30 -8.84 7.21
C ARG A 57 -24.49 -8.34 8.39
N GLY A 58 -24.44 -9.16 9.44
CA GLY A 58 -23.72 -8.82 10.67
C GLY A 58 -22.22 -8.80 10.46
N SER A 59 -21.72 -9.64 9.58
CA SER A 59 -20.29 -9.66 9.22
C SER A 59 -19.82 -8.24 8.87
N GLU A 60 -20.75 -7.42 8.35
CA GLU A 60 -20.49 -6.04 7.88
C GLU A 60 -20.46 -4.96 8.95
N ILE A 61 -21.21 -5.18 10.01
CA ILE A 61 -21.34 -4.27 11.11
C ILE A 61 -20.14 -4.18 12.06
N ALA A 62 -19.82 -2.96 12.49
CA ALA A 62 -18.77 -2.80 13.47
C ALA A 62 -19.36 -2.10 14.67
N LEU A 63 -20.33 -1.26 14.43
CA LEU A 63 -20.87 -0.42 15.45
C LEU A 63 -22.27 0.03 15.14
N VAL A 64 -23.12 0.01 16.16
CA VAL A 64 -24.48 0.54 16.00
C VAL A 64 -24.75 1.54 17.14
N GLY A 65 -25.16 2.74 16.78
CA GLY A 65 -25.38 3.73 17.82
C GLY A 65 -26.76 4.32 17.87
N LEU A 66 -27.19 4.66 19.07
CA LEU A 66 -28.57 5.03 19.26
C LEU A 66 -28.74 6.52 19.20
N ILE A 67 -29.22 6.98 18.04
CA ILE A 67 -29.44 8.39 17.80
C ILE A 67 -30.93 8.69 17.96
N MET B 1 -15.76 -19.13 27.65
CA MET B 1 -16.60 -18.55 28.70
C MET B 1 -15.84 -17.63 29.69
N LEU B 2 -14.52 -17.80 29.80
CA LEU B 2 -13.68 -17.02 30.72
C LEU B 2 -13.66 -15.49 30.50
N PHE B 3 -13.52 -15.03 29.26
CA PHE B 3 -13.42 -13.58 29.07
C PHE B 3 -14.76 -12.85 29.19
N PHE B 4 -15.83 -13.61 29.01
CA PHE B 4 -17.19 -13.16 29.33
C PHE B 4 -17.29 -12.84 30.84
N SER B 5 -16.66 -13.70 31.62
CA SER B 5 -16.66 -13.60 33.05
C SER B 5 -15.85 -12.38 33.44
N PHE B 6 -14.71 -12.22 32.76
CA PHE B 6 -13.84 -11.06 32.97
C PHE B 6 -14.57 -9.75 32.71
N PHE B 7 -15.23 -9.68 31.57
CA PHE B 7 -15.88 -8.45 31.18
C PHE B 7 -17.09 -8.11 32.00
N LYS B 8 -17.61 -9.07 32.76
CA LYS B 8 -18.80 -8.79 33.55
C LYS B 8 -18.40 -7.97 34.76
N THR B 9 -17.22 -8.22 35.30
CA THR B 9 -16.73 -7.51 36.49
C THR B 9 -16.31 -6.08 36.16
N LEU B 10 -16.35 -5.73 34.88
CA LEU B 10 -15.92 -4.42 34.42
C LEU B 10 -17.09 -3.49 34.19
N VAL B 11 -18.31 -3.96 34.44
CA VAL B 11 -19.48 -3.13 34.20
C VAL B 11 -19.47 -1.91 35.11
N ASP B 12 -19.87 -0.76 34.56
CA ASP B 12 -19.89 0.50 35.29
C ASP B 12 -18.50 1.14 35.38
N GLN B 13 -17.55 0.60 34.62
CA GLN B 13 -16.18 1.09 34.62
C GLN B 13 -15.82 1.65 33.25
N GLU B 14 -15.19 2.82 33.24
CA GLU B 14 -14.89 3.49 31.98
C GLU B 14 -13.81 2.70 31.28
N VAL B 15 -13.98 2.47 29.99
CA VAL B 15 -13.04 1.69 29.21
C VAL B 15 -12.80 2.41 27.88
N VAL B 16 -11.61 2.20 27.32
CA VAL B 16 -11.42 2.60 25.93
C VAL B 16 -11.37 1.38 24.99
N VAL B 17 -12.08 1.50 23.88
CA VAL B 17 -12.18 0.44 22.88
C VAL B 17 -11.55 0.86 21.56
N GLU B 18 -10.62 0.02 21.08
CA GLU B 18 -10.02 0.23 19.77
C GLU B 18 -10.55 -0.82 18.80
N LEU B 19 -11.28 -0.39 17.79
CA LEU B 19 -11.81 -1.27 16.72
C LEU B 19 -10.74 -1.45 15.60
N LYS B 20 -10.73 -2.61 14.94
CA LYS B 20 -9.79 -2.89 13.83
C LYS B 20 -9.65 -1.71 12.84
N ASN B 21 -10.76 -1.07 12.46
CA ASN B 21 -10.72 -0.02 11.44
C ASN B 21 -10.22 1.32 11.97
N ASP B 22 -9.38 1.28 13.01
CA ASP B 22 -8.79 2.47 13.63
C ASP B 22 -9.80 3.48 14.16
N ILE B 23 -10.77 2.99 14.93
CA ILE B 23 -11.73 3.83 15.62
C ILE B 23 -11.49 3.58 17.10
N GLU B 24 -11.40 4.66 17.86
CA GLU B 24 -11.16 4.65 19.29
C GLU B 24 -12.28 5.37 20.03
N ILE B 25 -12.85 4.70 21.02
CA ILE B 25 -14.05 5.16 21.72
C ILE B 25 -14.03 4.92 23.22
N LYS B 26 -14.17 6.01 23.99
CA LYS B 26 -14.26 5.99 25.45
C LYS B 26 -15.70 5.82 25.89
N GLY B 27 -15.94 4.99 26.89
CA GLY B 27 -17.31 4.86 27.35
C GLY B 27 -17.47 4.05 28.61
N THR B 28 -18.63 4.14 29.22
CA THR B 28 -18.88 3.35 30.41
C THR B 28 -19.42 1.99 29.93
N LEU B 29 -18.79 0.89 30.34
CA LEU B 29 -19.27 -0.44 29.96
C LEU B 29 -20.60 -0.73 30.62
N GLN B 30 -21.67 -0.75 29.84
CA GLN B 30 -22.97 -1.00 30.40
C GLN B 30 -23.34 -2.48 30.30
N SER B 31 -22.80 -3.15 29.28
CA SER B 31 -23.26 -4.49 28.97
C SER B 31 -22.28 -5.34 28.15
N VAL B 32 -22.28 -6.64 28.44
CA VAL B 32 -21.36 -7.58 27.76
C VAL B 32 -22.08 -8.88 27.36
N ASP B 33 -21.70 -9.49 26.23
CA ASP B 33 -22.30 -10.80 25.92
C ASP B 33 -21.31 -11.90 25.58
N GLN B 34 -21.85 -13.04 25.14
CA GLN B 34 -21.06 -14.24 24.97
C GLN B 34 -19.97 -14.11 23.88
N PHE B 35 -20.27 -13.28 22.87
CA PHE B 35 -19.40 -12.95 21.73
C PHE B 35 -18.45 -11.80 22.11
N LEU B 36 -18.59 -11.34 23.34
CA LEU B 36 -17.84 -10.18 23.80
C LEU B 36 -18.33 -8.89 23.15
N ASN B 37 -19.56 -8.86 22.66
CA ASN B 37 -20.12 -7.60 22.22
C ASN B 37 -20.26 -6.70 23.37
N LEU B 38 -20.29 -5.41 23.09
CA LEU B 38 -20.16 -4.44 24.16
C LEU B 38 -21.20 -3.38 23.96
N LYS B 39 -21.77 -2.90 25.05
CA LYS B 39 -22.60 -1.72 24.95
C LYS B 39 -21.98 -0.69 25.83
N LEU B 40 -21.77 0.46 25.24
CA LEU B 40 -21.09 1.57 25.89
C LEU B 40 -22.06 2.72 26.05
N ASP B 41 -22.20 3.19 27.29
CA ASP B 41 -22.98 4.40 27.62
C ASP B 41 -22.14 5.63 27.91
N ASN B 42 -22.63 6.80 27.49
CA ASN B 42 -21.95 8.08 27.62
C ASN B 42 -20.67 8.11 26.82
N ILE B 43 -20.86 8.07 25.51
CA ILE B 43 -19.78 8.01 24.54
C ILE B 43 -18.97 9.30 24.48
N SER B 44 -17.66 9.17 24.28
CA SER B 44 -16.73 10.30 24.32
C SER B 44 -15.53 10.05 23.41
N SER B 45 -14.83 11.12 23.05
CA SER B 45 -13.75 11.02 22.07
C SER B 45 -12.35 11.01 22.68
N THR B 46 -11.61 9.91 22.54
CA THR B 46 -10.23 9.86 23.02
C THR B 46 -9.26 10.54 22.04
N ASP B 47 -9.39 10.23 20.75
CA ASP B 47 -8.48 10.77 19.75
C ASP B 47 -9.22 11.66 18.78
N GLU B 48 -8.53 12.68 18.32
CA GLU B 48 -9.17 13.64 17.45
C GLU B 48 -9.39 13.01 16.09
N LYS B 49 -8.36 12.34 15.61
CA LYS B 49 -8.34 11.88 14.23
C LYS B 49 -9.07 10.58 14.05
N LYS B 50 -8.74 9.61 14.89
CA LYS B 50 -9.29 8.26 14.75
C LYS B 50 -10.81 8.26 14.93
N TYR B 51 -11.32 9.04 15.89
CA TYR B 51 -12.75 9.10 16.21
C TYR B 51 -13.65 9.42 15.00
N PRO B 52 -14.68 8.58 14.77
CA PRO B 52 -15.60 8.55 13.62
C PRO B 52 -16.68 9.64 13.64
N HIS B 53 -17.73 9.44 12.84
CA HIS B 53 -18.69 10.50 12.57
C HIS B 53 -19.97 10.37 13.42
N LEU B 54 -19.85 10.78 14.68
CA LEU B 54 -20.94 10.69 15.67
C LEU B 54 -21.28 12.07 16.21
N GLY B 55 -21.91 12.12 17.38
CA GLY B 55 -22.31 13.38 17.96
C GLY B 55 -23.39 13.21 19.01
N SER B 56 -24.65 13.29 18.58
CA SER B 56 -25.74 13.10 19.51
C SER B 56 -25.62 11.71 20.14
N VAL B 57 -25.22 10.71 19.35
CA VAL B 57 -25.07 9.35 19.85
C VAL B 57 -24.26 9.33 21.14
N ARG B 58 -24.86 8.77 22.19
CA ARG B 58 -24.22 8.63 23.50
C ARG B 58 -24.23 7.17 23.93
N ASN B 59 -25.02 6.36 23.24
CA ASN B 59 -25.07 4.93 23.52
C ASN B 59 -24.80 4.12 22.25
N ILE B 60 -23.83 3.21 22.34
CA ILE B 60 -23.45 2.40 21.19
C ILE B 60 -23.38 0.90 21.48
N PHE B 61 -23.56 0.15 20.41
CA PHE B 61 -23.35 -1.27 20.42
C PHE B 61 -22.16 -1.56 19.51
N ILE B 62 -21.17 -2.24 20.06
CA ILE B 62 -19.99 -2.64 19.33
C ILE B 62 -19.95 -4.15 19.17
N ARG B 63 -19.78 -4.56 17.92
CA ARG B 63 -19.61 -5.93 17.55
C ARG B 63 -18.25 -6.46 17.99
N GLY B 64 -18.27 -7.54 18.77
CA GLY B 64 -17.03 -8.07 19.35
C GLY B 64 -15.97 -8.51 18.33
N SER B 65 -16.38 -9.09 17.21
CA SER B 65 -15.45 -9.47 16.18
C SER B 65 -14.62 -8.27 15.66
N THR B 66 -15.09 -7.05 15.86
CA THR B 66 -14.39 -5.94 15.25
C THR B 66 -13.48 -5.20 16.20
N VAL B 67 -13.40 -5.66 17.45
CA VAL B 67 -12.50 -4.96 18.37
C VAL B 67 -11.09 -5.58 18.27
N ARG B 68 -10.08 -4.72 18.39
CA ARG B 68 -8.73 -5.18 18.54
C ARG B 68 -8.35 -5.13 20.01
N TYR B 69 -8.63 -3.99 20.65
CA TYR B 69 -8.15 -3.70 21.99
C TYR B 69 -9.21 -3.19 22.95
N VAL B 70 -9.08 -3.62 24.19
CA VAL B 70 -9.83 -2.92 25.23
C VAL B 70 -8.85 -2.49 26.32
N TYR B 71 -8.69 -1.17 26.41
CA TYR B 71 -7.76 -0.56 27.34
C TYR B 71 -8.39 -0.37 28.72
N LEU B 72 -7.70 -0.89 29.73
CA LEU B 72 -8.15 -0.96 31.11
C LEU B 72 -7.25 -0.24 32.09
N ASN B 73 -7.71 -0.12 33.33
CA ASN B 73 -6.85 0.39 34.38
C ASN B 73 -6.44 -0.76 35.29
N LYS B 74 -5.21 -0.75 35.79
CA LYS B 74 -4.71 -1.84 36.63
C LYS B 74 -5.51 -2.02 37.93
N ASN B 75 -6.28 -1.03 38.32
CA ASN B 75 -7.09 -1.10 39.52
C ASN B 75 -8.47 -1.70 39.26
N MET B 76 -8.79 -1.92 37.99
CA MET B 76 -10.07 -2.53 37.63
C MET B 76 -10.02 -4.03 37.71
N VAL B 77 -8.85 -4.57 37.99
CA VAL B 77 -8.60 -5.99 37.76
C VAL B 77 -7.63 -6.60 38.77
N ASP B 78 -8.10 -7.65 39.42
CA ASP B 78 -7.25 -8.47 40.28
C ASP B 78 -6.45 -9.44 39.44
N THR B 79 -5.14 -9.23 39.36
CA THR B 79 -4.30 -10.05 38.49
C THR B 79 -4.27 -11.52 38.89
N ASN B 80 -4.18 -11.77 40.20
CA ASN B 80 -4.01 -13.13 40.67
C ASN B 80 -5.27 -13.95 40.44
N LEU B 81 -6.39 -13.24 40.40
CA LEU B 81 -7.66 -13.86 40.15
C LEU B 81 -7.61 -14.34 38.70
N LEU B 82 -7.24 -13.43 37.79
CA LEU B 82 -7.08 -13.71 36.36
C LEU B 82 -6.17 -14.88 36.07
N GLN B 83 -5.00 -14.86 36.71
CA GLN B 83 -4.01 -15.90 36.54
C GLN B 83 -4.54 -17.26 37.00
N ASP B 84 -5.08 -17.34 38.22
CA ASP B 84 -5.54 -18.64 38.74
C ASP B 84 -6.72 -19.19 37.96
N ALA B 85 -7.50 -18.27 37.40
CA ALA B 85 -8.62 -18.63 36.56
C ALA B 85 -8.14 -19.16 35.19
N THR B 86 -7.20 -18.47 34.55
CA THR B 86 -6.58 -19.01 33.34
C THR B 86 -5.96 -20.39 33.60
N ARG B 87 -5.24 -20.54 34.70
CA ARG B 87 -4.66 -21.83 35.06
C ARG B 87 -5.74 -22.90 35.14
N ARG B 88 -6.89 -22.53 35.67
CA ARG B 88 -8.00 -23.49 35.82
C ARG B 88 -8.60 -23.87 34.46
N GLU B 89 -8.87 -22.89 33.62
CA GLU B 89 -9.41 -23.15 32.30
C GLU B 89 -8.76 -24.30 31.56
N VAL B 90 -9.59 -25.08 30.88
CA VAL B 90 -9.13 -26.22 30.10
C VAL B 90 -9.24 -25.90 28.63
N MET B 91 -8.24 -26.33 27.87
CA MET B 91 -8.17 -26.02 26.45
C MET B 91 -7.91 -27.30 25.68
N THR B 92 -9.00 -27.99 25.35
CA THR B 92 -8.97 -29.25 24.61
C THR B 92 -10.32 -29.40 23.93
N THR C 3 -2.28 -28.97 24.06
CA THR C 3 -1.02 -28.85 24.81
C THR C 3 -0.23 -27.53 24.56
N PRO C 4 -0.13 -27.04 23.30
CA PRO C 4 0.63 -25.77 23.17
C PRO C 4 -0.06 -24.66 23.94
N LEU C 5 -1.36 -24.84 24.21
CA LEU C 5 -2.13 -23.84 24.96
C LEU C 5 -1.91 -24.01 26.48
N ASP C 6 -1.32 -25.13 26.88
CA ASP C 6 -0.99 -25.35 28.28
C ASP C 6 0.41 -24.83 28.54
N LEU C 7 1.30 -25.05 27.58
CA LEU C 7 2.65 -24.52 27.68
C LEU C 7 2.65 -23.00 27.60
N LEU C 8 1.45 -22.42 27.50
CA LEU C 8 1.31 -20.98 27.57
C LEU C 8 0.98 -20.53 28.99
N LYS C 9 0.55 -21.46 29.84
CA LYS C 9 0.16 -21.15 31.22
C LYS C 9 1.45 -21.06 31.95
N LEU C 10 2.39 -21.83 31.42
CA LEU C 10 3.73 -21.97 31.93
C LEU C 10 4.32 -20.59 32.17
N ASN C 11 4.08 -19.66 31.23
CA ASN C 11 4.59 -18.30 31.39
C ASN C 11 3.50 -17.26 31.63
N LEU C 12 2.54 -17.60 32.50
CA LEU C 12 1.64 -16.63 33.10
C LEU C 12 2.43 -15.83 34.13
N ASP C 13 2.20 -14.51 34.24
CA ASP C 13 3.01 -13.66 35.13
C ASP C 13 4.49 -13.55 34.69
N GLU C 14 4.77 -14.03 33.49
CA GLU C 14 6.08 -13.83 32.86
C GLU C 14 5.98 -12.91 31.64
N ARG C 15 7.03 -12.17 31.34
CA ARG C 15 7.03 -11.28 30.18
C ARG C 15 6.84 -12.03 28.85
N VAL C 16 5.92 -11.56 28.01
CA VAL C 16 5.70 -12.13 26.68
C VAL C 16 5.74 -11.12 25.51
N TYR C 17 6.06 -11.68 24.35
CA TYR C 17 6.13 -11.01 23.08
C TYR C 17 5.02 -11.57 22.19
N ILE C 18 4.26 -10.70 21.53
CA ILE C 18 3.08 -11.12 20.79
C ILE C 18 3.09 -10.47 19.42
N LYS C 19 3.11 -11.26 18.33
CA LYS C 19 2.95 -10.64 17.03
C LYS C 19 1.48 -10.65 16.62
N LEU C 20 1.05 -9.53 16.05
CA LEU C 20 -0.32 -9.39 15.56
C LEU C 20 -0.39 -9.09 14.09
N ARG C 21 -1.59 -9.20 13.55
CA ARG C 21 -1.80 -8.87 12.16
C ARG C 21 -1.66 -7.36 11.97
N GLY C 22 -0.87 -6.98 10.97
CA GLY C 22 -0.66 -5.60 10.59
C GLY C 22 0.65 -5.02 11.09
N ALA C 23 1.72 -5.80 11.18
CA ALA C 23 2.97 -5.29 11.75
C ALA C 23 2.85 -4.67 13.11
N ARG C 24 1.99 -5.22 13.98
CA ARG C 24 1.88 -4.78 15.37
C ARG C 24 2.62 -5.76 16.28
N THR C 25 3.21 -5.23 17.33
CA THR C 25 3.91 -6.08 18.28
C THR C 25 3.58 -5.66 19.68
N LEU C 26 3.45 -6.62 20.59
CA LEU C 26 3.11 -6.22 21.95
C LEU C 26 4.09 -6.89 22.87
N VAL C 27 4.48 -6.17 23.91
CA VAL C 27 5.26 -6.79 24.97
C VAL C 27 4.55 -6.45 26.25
N GLY C 28 4.26 -7.47 27.05
CA GLY C 28 3.52 -7.26 28.27
C GLY C 28 3.71 -8.40 29.24
N THR C 29 3.20 -8.29 30.45
CA THR C 29 3.25 -9.44 31.35
C THR C 29 1.91 -10.17 31.27
N LEU C 30 1.98 -11.47 31.03
CA LEU C 30 0.82 -12.30 30.75
C LEU C 30 -0.10 -12.48 31.95
N GLN C 31 -1.26 -11.85 31.88
CA GLN C 31 -2.27 -11.97 32.91
C GLN C 31 -3.27 -13.08 32.59
N ALA C 32 -3.97 -12.99 31.45
CA ALA C 32 -4.93 -14.07 31.12
C ALA C 32 -4.99 -14.46 29.66
N PHE C 33 -5.24 -15.73 29.37
CA PHE C 33 -5.65 -16.09 28.00
C PHE C 33 -6.73 -17.18 27.93
N ASP C 34 -7.35 -17.31 26.76
CA ASP C 34 -8.17 -18.48 26.45
C ASP C 34 -7.73 -19.24 25.18
N SER C 35 -8.57 -20.18 24.76
CA SER C 35 -8.28 -21.01 23.60
C SER C 35 -8.42 -20.22 22.31
N HIS C 36 -9.15 -19.10 22.38
CA HIS C 36 -9.31 -18.24 21.23
C HIS C 36 -8.05 -17.40 21.03
N SER C 37 -7.13 -17.50 21.99
CA SER C 37 -5.90 -16.72 21.98
C SER C 37 -6.17 -15.30 22.45
N ASN C 38 -7.37 -15.07 22.97
CA ASN C 38 -7.70 -13.79 23.58
C ASN C 38 -6.73 -13.56 24.72
N ILE C 39 -6.22 -12.33 24.84
CA ILE C 39 -5.25 -12.08 25.88
C ILE C 39 -5.57 -10.89 26.79
N VAL C 40 -5.14 -10.96 28.04
CA VAL C 40 -4.92 -9.78 28.83
C VAL C 40 -3.43 -9.67 29.22
N LEU C 41 -2.87 -8.48 28.96
CA LEU C 41 -1.53 -8.07 29.36
C LEU C 41 -1.55 -6.86 30.28
N SER C 42 -0.66 -6.87 31.26
CA SER C 42 -0.41 -5.69 32.07
C SER C 42 0.93 -5.06 31.69
N ASP C 43 1.05 -3.76 31.96
CA ASP C 43 2.29 -3.00 31.73
C ASP C 43 2.82 -3.22 30.35
N ALA C 44 2.00 -2.91 29.37
CA ALA C 44 2.37 -3.29 28.01
C ALA C 44 2.73 -2.11 27.14
N VAL C 45 3.60 -2.37 26.17
CA VAL C 45 3.92 -1.40 25.14
C VAL C 45 3.70 -2.09 23.77
N GLU C 46 2.94 -1.41 22.92
CA GLU C 46 2.59 -1.84 21.57
C GLU C 46 3.34 -1.05 20.44
N THR C 47 4.18 -1.76 19.68
CA THR C 47 4.90 -1.19 18.52
C THR C 47 4.20 -1.35 17.17
N ILE C 48 3.89 -0.24 16.48
CA ILE C 48 3.29 -0.26 15.15
C ILE C 48 4.23 0.15 14.01
N TYR C 49 4.60 -0.76 13.09
CA TYR C 49 5.44 -0.41 11.93
C TYR C 49 4.64 0.04 10.71
N GLN C 50 4.68 1.32 10.40
CA GLN C 50 3.95 1.86 9.27
C GLN C 50 4.86 2.31 8.17
N LEU C 51 4.41 2.08 6.94
CA LEU C 51 5.11 2.55 5.75
C LEU C 51 4.39 3.66 5.03
N ASN C 52 4.67 4.90 5.42
CA ASN C 52 4.05 6.06 4.74
C ASN C 52 5.08 7.00 4.12
N ASN C 53 4.71 7.48 2.95
CA ASN C 53 5.59 8.19 2.05
C ASN C 53 6.81 7.39 1.68
N GLU C 54 6.59 6.07 1.53
CA GLU C 54 7.61 5.13 1.07
C GLU C 54 8.70 4.90 2.09
N GLU C 55 8.52 5.41 3.30
CA GLU C 55 9.54 5.26 4.34
C GLU C 55 8.92 4.58 5.58
N LEU C 56 9.78 3.95 6.37
CA LEU C 56 9.39 3.16 7.55
C LEU C 56 9.53 3.84 8.92
N SER C 57 8.43 3.95 9.66
CA SER C 57 8.50 4.49 11.01
C SER C 57 7.82 3.50 11.93
N GLU C 58 8.22 3.53 13.18
CA GLU C 58 7.58 2.67 14.11
C GLU C 58 7.10 3.49 15.26
N SER C 59 5.82 3.31 15.57
CA SER C 59 5.11 4.04 16.59
C SER C 59 4.96 3.21 17.86
N GLU C 60 4.71 3.89 18.98
CA GLU C 60 4.56 3.21 20.28
C GLU C 60 3.32 3.61 21.06
N ARG C 61 2.94 2.75 22.00
CA ARG C 61 1.70 2.99 22.76
C ARG C 61 1.79 2.18 24.02
N ARG C 62 1.66 2.85 25.15
CA ARG C 62 1.83 2.21 26.43
C ARG C 62 0.50 2.12 27.12
N SER C 63 0.31 1.05 27.86
CA SER C 63 -0.95 0.84 28.54
C SER C 63 -0.77 -0.06 29.75
N GLU C 64 -1.42 0.28 30.87
CA GLU C 64 -1.23 -0.51 32.08
C GLU C 64 -2.00 -1.83 32.07
N MET C 65 -3.08 -1.88 31.33
CA MET C 65 -3.82 -3.13 31.25
C MET C 65 -4.57 -3.20 29.92
N VAL C 66 -4.37 -4.26 29.17
CA VAL C 66 -5.07 -4.35 27.92
C VAL C 66 -5.59 -5.74 27.57
N PHE C 67 -6.84 -5.78 27.09
CA PHE C 67 -7.40 -7.00 26.52
C PHE C 67 -7.25 -6.93 25.02
N ILE C 68 -6.82 -8.05 24.45
CA ILE C 68 -6.47 -8.24 23.04
C ILE C 68 -7.40 -9.31 22.40
N ARG C 69 -8.29 -8.92 21.48
CA ARG C 69 -9.12 -9.91 20.80
C ARG C 69 -8.16 -10.90 20.15
N GLY C 70 -8.39 -12.16 20.38
CA GLY C 70 -7.45 -13.18 19.96
C GLY C 70 -7.34 -13.50 18.49
N ASP C 71 -8.24 -12.98 17.66
CA ASP C 71 -8.29 -13.44 16.28
C ASP C 71 -7.21 -12.78 15.38
N THR C 72 -6.64 -11.68 15.85
CA THR C 72 -5.54 -11.00 15.18
C THR C 72 -4.19 -11.59 15.63
N VAL C 73 -4.22 -12.36 16.72
CA VAL C 73 -2.98 -12.90 17.22
C VAL C 73 -2.40 -13.94 16.26
N THR C 74 -1.14 -13.74 15.95
CA THR C 74 -0.35 -14.63 15.11
C THR C 74 0.64 -15.46 15.93
N LEU C 75 1.32 -14.84 16.91
CA LEU C 75 2.50 -15.50 17.50
C LEU C 75 2.66 -15.08 18.93
N ILE C 76 3.10 -16.01 19.77
CA ILE C 76 3.44 -15.72 21.16
C ILE C 76 4.76 -16.35 21.61
N SER C 77 5.66 -15.52 22.12
CA SER C 77 6.91 -16.01 22.66
C SER C 77 7.33 -15.17 23.85
N THR C 78 8.62 -15.19 24.18
CA THR C 78 9.14 -14.28 25.18
C THR C 78 10.15 -13.35 24.51
N PRO C 79 10.24 -12.08 24.98
CA PRO C 79 11.19 -11.14 24.37
C PRO C 79 12.65 -11.47 24.68
N VAL D 11 -5.69 -40.10 10.12
CA VAL D 11 -4.51 -40.06 9.27
C VAL D 11 -3.68 -38.77 9.31
N THR D 12 -4.34 -37.64 9.45
CA THR D 12 -3.64 -36.39 9.66
C THR D 12 -3.15 -36.33 11.11
N THR D 13 -3.89 -37.01 12.00
CA THR D 13 -3.54 -37.11 13.43
C THR D 13 -2.31 -37.98 13.65
N GLU D 14 -2.26 -39.09 12.91
CA GLU D 14 -1.10 -39.98 12.90
C GLU D 14 0.11 -39.17 12.48
N PHE D 15 -0.06 -38.25 11.53
CA PHE D 15 1.04 -37.36 11.16
C PHE D 15 1.43 -36.48 12.35
N LEU D 16 0.43 -35.87 13.01
CA LEU D 16 0.71 -34.96 14.12
C LEU D 16 1.53 -35.64 15.21
N SER D 17 1.30 -36.92 15.44
CA SER D 17 2.07 -37.58 16.50
C SER D 17 3.35 -38.21 15.90
N ASP D 18 3.40 -38.35 14.58
CA ASP D 18 4.58 -38.93 13.92
C ASP D 18 5.77 -37.98 13.84
N ILE D 19 5.51 -36.66 13.85
CA ILE D 19 6.60 -35.70 13.67
C ILE D 19 6.92 -34.88 14.92
N ILE D 20 6.25 -35.17 16.03
CA ILE D 20 6.56 -34.48 17.27
C ILE D 20 7.99 -34.78 17.72
N GLY D 21 8.75 -33.72 17.97
CA GLY D 21 10.16 -33.86 18.28
C GLY D 21 11.05 -33.69 17.06
N LYS D 22 10.46 -33.68 15.88
CA LYS D 22 11.23 -33.45 14.66
C LYS D 22 11.31 -31.98 14.33
N THR D 23 12.22 -31.67 13.42
CA THR D 23 12.46 -30.31 12.99
C THR D 23 11.55 -29.98 11.82
N VAL D 24 10.72 -28.95 11.98
CA VAL D 24 9.70 -28.59 11.01
C VAL D 24 9.77 -27.13 10.59
N ASN D 25 9.19 -26.85 9.43
CA ASN D 25 8.88 -25.52 8.91
C ASN D 25 7.40 -25.28 9.10
N VAL D 26 7.00 -24.17 9.69
CA VAL D 26 5.59 -23.83 9.76
C VAL D 26 5.32 -22.49 9.10
N LYS D 27 4.78 -22.53 7.88
CA LYS D 27 4.29 -21.34 7.20
C LYS D 27 2.97 -20.76 7.78
N LEU D 28 2.89 -19.43 7.87
CA LEU D 28 1.60 -18.82 8.19
C LEU D 28 0.97 -18.15 6.97
N ALA D 29 -0.15 -17.49 7.17
CA ALA D 29 -0.92 -16.93 6.06
C ALA D 29 -0.05 -15.90 5.39
N SER D 30 0.60 -15.09 6.22
CA SER D 30 1.34 -13.91 5.76
C SER D 30 2.54 -14.26 4.87
N GLY D 31 3.08 -15.48 4.99
CA GLY D 31 4.26 -15.76 4.19
C GLY D 31 5.40 -16.17 5.13
N LEU D 32 5.33 -15.62 6.34
CA LEU D 32 6.33 -15.81 7.36
C LEU D 32 6.43 -17.30 7.65
N LEU D 33 7.64 -17.77 7.91
CA LEU D 33 7.95 -19.19 8.03
C LEU D 33 8.76 -19.41 9.28
N TYR D 34 8.45 -20.47 10.03
CA TYR D 34 9.13 -20.67 11.29
C TYR D 34 9.81 -22.00 11.33
N SER D 35 11.12 -22.04 11.59
CA SER D 35 11.78 -23.32 11.65
C SER D 35 12.16 -23.68 13.06
N GLY D 36 11.65 -24.80 13.55
CA GLY D 36 11.99 -25.22 14.90
C GLY D 36 11.83 -26.70 15.17
N ARG D 37 11.85 -27.07 16.44
CA ARG D 37 11.59 -28.44 16.83
C ARG D 37 10.20 -28.47 17.41
N LEU D 38 9.38 -29.43 16.95
CA LEU D 38 7.97 -29.50 17.34
C LEU D 38 7.78 -30.00 18.76
N GLU D 39 7.57 -29.08 19.69
CA GLU D 39 7.22 -29.48 21.06
C GLU D 39 5.83 -30.10 21.20
N SER D 40 4.82 -29.46 20.63
CA SER D 40 3.44 -29.96 20.74
C SER D 40 2.50 -29.46 19.63
N ILE D 41 1.39 -30.16 19.45
CA ILE D 41 0.37 -29.77 18.48
C ILE D 41 -1.06 -30.05 18.99
N ASP D 42 -2.03 -29.32 18.47
CA ASP D 42 -3.43 -29.47 18.89
C ASP D 42 -4.40 -29.49 17.70
N GLY D 43 -5.60 -30.04 17.91
CA GLY D 43 -6.52 -30.24 16.80
C GLY D 43 -6.92 -28.94 16.11
N PHE D 44 -6.65 -27.82 16.76
CA PHE D 44 -6.98 -26.53 16.20
C PHE D 44 -5.81 -26.00 15.37
N MET D 45 -4.76 -26.81 15.26
CA MET D 45 -3.60 -26.54 14.40
C MET D 45 -2.58 -25.64 15.11
N ASN D 46 -2.86 -25.31 16.36
CA ASN D 46 -1.99 -24.56 17.24
C ASN D 46 -0.69 -25.34 17.36
N VAL D 47 0.45 -24.66 17.33
CA VAL D 47 1.74 -25.33 17.29
C VAL D 47 2.72 -24.74 18.28
N ALA D 48 3.51 -25.61 18.92
CA ALA D 48 4.56 -25.16 19.82
C ALA D 48 5.90 -25.56 19.24
N LEU D 49 6.85 -24.63 19.16
CA LEU D 49 8.17 -24.95 18.63
C LEU D 49 9.26 -24.53 19.60
N SER D 50 10.41 -25.18 19.54
CA SER D 50 11.56 -24.73 20.34
C SER D 50 12.78 -24.52 19.40
N SER D 51 13.60 -23.51 19.72
CA SER D 51 14.79 -23.16 18.93
C SER D 51 14.35 -22.70 17.53
N ALA D 52 13.33 -21.83 17.52
CA ALA D 52 12.69 -21.38 16.27
C ALA D 52 13.35 -20.14 15.66
N THR D 53 13.38 -20.09 14.33
CA THR D 53 13.79 -18.89 13.62
C THR D 53 12.67 -18.48 12.67
N GLU D 54 12.52 -17.18 12.44
CA GLU D 54 11.57 -16.73 11.44
C GLU D 54 12.27 -16.26 10.16
N HIS D 55 11.66 -16.59 9.02
CA HIS D 55 12.17 -16.18 7.73
C HIS D 55 10.97 -15.80 6.92
N TYR D 56 11.15 -15.04 5.86
CA TYR D 56 10.03 -14.73 5.02
C TYR D 56 10.08 -15.60 3.77
N GLU D 57 9.05 -16.45 3.60
CA GLU D 57 8.88 -17.33 2.42
C GLU D 57 9.91 -18.49 2.42
N SER D 58 11.21 -18.21 2.45
CA SER D 58 12.15 -19.31 2.36
C SER D 58 13.25 -19.25 3.41
N ASN D 59 13.76 -20.41 3.80
CA ASN D 59 14.80 -20.49 4.80
C ASN D 59 16.08 -19.84 4.37
N ASN D 60 16.28 -19.81 3.07
CA ASN D 60 17.45 -19.21 2.48
C ASN D 60 17.40 -17.71 2.51
N ASN D 61 16.25 -17.12 2.80
CA ASN D 61 16.16 -15.67 2.86
C ASN D 61 16.75 -15.15 4.17
N LYS D 62 16.77 -13.84 4.39
CA LYS D 62 17.42 -13.27 5.59
C LYS D 62 16.70 -13.68 6.87
N LEU D 63 17.49 -14.12 7.85
CA LEU D 63 16.96 -14.42 9.17
C LEU D 63 16.43 -13.16 9.80
N LEU D 64 15.15 -13.19 10.16
CA LEU D 64 14.44 -12.06 10.73
C LEU D 64 14.42 -12.09 12.25
N ASN D 65 14.51 -13.30 12.80
CA ASN D 65 14.51 -13.48 14.25
C ASN D 65 14.92 -14.89 14.65
N LYS D 66 15.52 -14.97 15.82
CA LYS D 66 15.89 -16.24 16.46
C LYS D 66 15.37 -16.15 17.88
N PHE D 67 14.40 -16.98 18.20
CA PHE D 67 13.80 -16.98 19.54
C PHE D 67 14.55 -18.03 20.38
N ASN D 68 15.27 -17.65 21.41
CA ASN D 68 15.87 -18.70 22.21
C ASN D 68 14.78 -19.45 22.99
N SER D 69 13.76 -18.71 23.39
CA SER D 69 12.55 -19.26 24.02
C SER D 69 11.61 -20.06 23.11
N ASP D 70 10.68 -20.79 23.72
CA ASP D 70 9.60 -21.50 23.03
C ASP D 70 8.59 -20.58 22.32
N VAL D 71 8.14 -21.02 21.15
CA VAL D 71 7.29 -20.24 20.25
C VAL D 71 5.90 -20.85 20.05
N PHE D 72 4.85 -20.15 20.43
CA PHE D 72 3.50 -20.63 20.20
C PHE D 72 2.92 -20.00 18.92
N LEU D 73 2.64 -20.82 17.92
CA LEU D 73 2.04 -20.29 16.68
C LEU D 73 0.54 -20.56 16.64
N ARG D 74 -0.28 -19.54 16.42
CA ARG D 74 -1.73 -19.78 16.39
C ARG D 74 -2.23 -20.63 15.19
N GLY D 75 -3.11 -21.58 15.50
CA GLY D 75 -3.67 -22.48 14.51
C GLY D 75 -4.45 -21.88 13.34
N THR D 76 -5.30 -20.90 13.60
CA THR D 76 -6.09 -20.27 12.56
C THR D 76 -5.18 -19.73 11.47
N GLN D 77 -3.92 -19.49 11.80
CA GLN D 77 -3.01 -18.77 10.94
C GLN D 77 -2.08 -19.67 10.17
N VAL D 78 -2.01 -20.95 10.54
CA VAL D 78 -0.96 -21.79 9.93
C VAL D 78 -1.36 -22.32 8.59
N MET D 79 -0.48 -22.17 7.59
CA MET D 79 -0.82 -22.73 6.28
C MET D 79 -0.26 -24.13 6.03
N TYR D 80 0.93 -24.42 6.52
CA TYR D 80 1.33 -25.82 6.64
C TYR D 80 2.36 -26.00 7.73
N ILE D 81 2.52 -27.27 8.07
CA ILE D 81 3.61 -27.76 8.88
C ILE D 81 4.33 -28.82 8.03
N SER D 82 5.64 -28.65 7.85
CA SER D 82 6.39 -29.53 6.98
C SER D 82 7.71 -29.97 7.58
N GLU D 83 8.10 -31.23 7.41
CA GLU D 83 9.37 -31.69 7.97
C GLU D 83 10.49 -31.49 6.97
N GLN D 84 11.76 -31.58 7.41
CA GLN D 84 12.89 -31.44 6.52
C GLN D 84 13.73 -32.71 6.48
N PRO E 4 -25.64 -43.62 -8.71
CA PRO E 4 -24.58 -43.42 -9.69
C PRO E 4 -23.89 -42.06 -9.48
N GLU E 5 -24.07 -41.55 -8.27
CA GLU E 5 -23.51 -40.27 -7.93
C GLU E 5 -21.98 -40.37 -7.77
N ILE E 6 -21.28 -39.33 -8.21
CA ILE E 6 -19.83 -39.23 -8.03
C ILE E 6 -19.56 -38.30 -6.87
N LEU E 7 -18.96 -38.82 -5.79
CA LEU E 7 -18.69 -37.99 -4.61
C LEU E 7 -17.27 -37.39 -4.63
N PRO E 8 -17.16 -36.06 -4.50
CA PRO E 8 -15.86 -35.39 -4.39
C PRO E 8 -14.81 -36.09 -3.50
N LEU E 9 -15.16 -36.45 -2.27
CA LEU E 9 -14.19 -37.11 -1.41
C LEU E 9 -13.73 -38.48 -1.98
N GLU E 10 -14.55 -39.10 -2.82
CA GLU E 10 -14.18 -40.37 -3.46
C GLU E 10 -13.16 -40.12 -4.57
N VAL E 11 -13.34 -39.00 -5.27
CA VAL E 11 -12.38 -38.54 -6.23
C VAL E 11 -11.04 -38.23 -5.55
N ILE E 12 -11.04 -37.57 -4.38
CA ILE E 12 -9.79 -37.31 -3.70
C ILE E 12 -9.21 -38.64 -3.20
N ASP E 13 -10.07 -39.57 -2.82
CA ASP E 13 -9.59 -40.86 -2.32
C ASP E 13 -8.86 -41.63 -3.42
N LYS E 14 -9.29 -41.43 -4.67
CA LYS E 14 -8.73 -42.20 -5.77
C LYS E 14 -7.36 -41.65 -6.14
N THR E 15 -7.17 -40.34 -5.97
CA THR E 15 -5.90 -39.69 -6.32
C THR E 15 -4.81 -39.90 -5.25
N ILE E 16 -5.11 -40.67 -4.20
CA ILE E 16 -4.07 -41.03 -3.20
C ILE E 16 -2.94 -41.83 -3.84
N ASN E 17 -1.69 -41.48 -3.49
CA ASN E 17 -0.51 -42.10 -4.10
C ASN E 17 -0.29 -41.65 -5.53
N GLN E 18 -0.99 -40.61 -5.94
CA GLN E 18 -0.73 -40.02 -7.22
C GLN E 18 -0.23 -38.59 -6.97
N LYS E 19 0.17 -37.96 -8.06
CA LYS E 19 0.48 -36.57 -8.03
C LYS E 19 -0.80 -35.72 -8.05
N VAL E 20 -0.85 -34.79 -7.11
CA VAL E 20 -1.93 -33.81 -6.99
C VAL E 20 -1.38 -32.38 -7.03
N LEU E 21 -2.09 -31.52 -7.75
CA LEU E 21 -1.95 -30.06 -7.62
C LEU E 21 -2.92 -29.54 -6.57
N ILE E 22 -2.46 -28.77 -5.58
CA ILE E 22 -3.37 -28.12 -4.64
C ILE E 22 -3.27 -26.60 -4.71
N VAL E 23 -4.36 -25.99 -5.13
CA VAL E 23 -4.44 -24.54 -5.31
C VAL E 23 -5.14 -23.83 -4.16
N LEU E 24 -4.41 -22.96 -3.44
CA LEU E 24 -5.01 -22.17 -2.37
C LEU E 24 -6.00 -21.11 -2.89
N GLN E 25 -6.50 -20.25 -2.04
CA GLN E 25 -7.41 -19.23 -2.54
C GLN E 25 -6.62 -18.00 -2.89
N SER E 26 -5.38 -17.99 -2.40
CA SER E 26 -4.33 -17.09 -2.81
C SER E 26 -3.69 -17.64 -4.06
N ASN E 27 -2.66 -16.95 -4.54
CA ASN E 27 -1.89 -17.37 -5.71
C ASN E 27 -1.16 -18.71 -5.54
N ARG E 28 -0.66 -18.96 -4.33
CA ARG E 28 0.23 -20.07 -4.05
C ARG E 28 -0.35 -21.46 -4.34
N GLU E 29 0.50 -22.34 -4.85
CA GLU E 29 0.11 -23.71 -5.19
C GLU E 29 1.12 -24.75 -4.69
N PHE E 30 0.65 -25.97 -4.44
CA PHE E 30 1.49 -27.06 -4.00
C PHE E 30 1.35 -28.27 -4.89
N GLU E 31 2.43 -28.72 -5.51
CA GLU E 31 2.38 -29.98 -6.24
C GLU E 31 3.18 -31.07 -5.61
N GLY E 32 2.55 -32.20 -5.36
CA GLY E 32 3.25 -33.27 -4.67
C GLY E 32 2.50 -34.58 -4.75
N THR E 33 2.94 -35.58 -4.01
CA THR E 33 2.32 -36.90 -4.00
C THR E 33 1.32 -36.92 -2.87
N LEU E 34 0.06 -37.19 -3.18
CA LEU E 34 -0.99 -37.14 -2.17
C LEU E 34 -0.92 -38.34 -1.20
N VAL E 35 -0.39 -38.13 0.00
CA VAL E 35 -0.24 -39.21 0.97
C VAL E 35 -1.56 -39.55 1.69
N GLY E 36 -2.24 -38.53 2.21
CA GLY E 36 -3.48 -38.74 2.92
C GLY E 36 -4.30 -37.46 2.99
N PHE E 37 -5.52 -37.57 3.49
CA PHE E 37 -6.35 -36.41 3.69
C PHE E 37 -7.37 -36.77 4.74
N ASP E 38 -8.01 -35.78 5.38
CA ASP E 38 -9.06 -36.08 6.37
C ASP E 38 -10.40 -35.56 5.87
N ASP E 39 -11.38 -35.51 6.77
CA ASP E 39 -12.72 -35.08 6.39
C ASP E 39 -12.84 -33.56 6.13
N PHE E 40 -11.97 -32.79 6.79
CA PHE E 40 -11.90 -31.35 6.67
C PHE E 40 -11.09 -30.92 5.46
N VAL E 41 -10.59 -31.92 4.73
CA VAL E 41 -9.68 -31.74 3.59
C VAL E 41 -8.31 -31.11 3.92
N ASN E 42 -7.92 -31.24 5.18
CA ASN E 42 -6.52 -31.15 5.50
C ASN E 42 -5.79 -32.19 4.64
N VAL E 43 -4.53 -31.96 4.33
CA VAL E 43 -3.95 -32.79 3.31
C VAL E 43 -2.48 -33.08 3.59
N ILE E 44 -2.05 -34.30 3.34
CA ILE E 44 -0.65 -34.64 3.56
C ILE E 44 0.03 -34.76 2.20
N LEU E 45 1.08 -33.98 1.94
CA LEU E 45 1.77 -34.10 0.67
C LEU E 45 3.19 -34.65 0.89
N GLU E 46 3.77 -35.28 -0.12
CA GLU E 46 5.11 -35.84 0.00
C GLU E 46 6.00 -35.16 -1.04
N ASP E 47 7.07 -34.51 -0.57
CA ASP E 47 7.99 -33.81 -1.45
C ASP E 47 7.24 -32.78 -2.29
N ALA E 48 6.73 -31.75 -1.63
CA ALA E 48 5.95 -30.72 -2.31
C ALA E 48 6.82 -29.66 -2.98
N VAL E 49 6.38 -29.24 -4.16
CA VAL E 49 6.90 -28.04 -4.77
C VAL E 49 5.91 -26.95 -4.48
N GLU E 50 6.39 -25.92 -3.81
CA GLU E 50 5.55 -24.80 -3.43
C GLU E 50 5.74 -23.65 -4.42
N TRP E 51 4.66 -23.13 -4.98
CA TRP E 51 4.71 -22.11 -6.00
C TRP E 51 3.99 -20.82 -5.60
N LEU E 52 4.30 -19.75 -6.31
CA LEU E 52 3.50 -18.54 -6.23
C LEU E 52 3.25 -18.18 -7.66
N ILE E 53 2.04 -17.71 -7.95
CA ILE E 53 1.63 -17.60 -9.33
C ILE E 53 1.36 -16.18 -9.74
N ASP E 54 1.54 -15.94 -11.04
CA ASP E 54 1.37 -14.68 -11.73
C ASP E 54 -0.05 -14.13 -11.56
N ARG E 60 5.50 -15.26 -15.26
CA ARG E 60 6.69 -15.54 -14.48
C ARG E 60 6.16 -15.85 -13.10
N ASN E 61 6.49 -17.04 -12.65
CA ASN E 61 6.13 -17.52 -11.32
C ASN E 61 7.41 -18.00 -10.67
N GLU E 62 7.60 -17.62 -9.41
CA GLU E 62 8.81 -18.04 -8.70
C GLU E 62 8.48 -19.24 -7.82
N LYS E 63 9.31 -20.28 -7.91
CA LYS E 63 9.07 -21.48 -7.13
C LYS E 63 9.66 -21.25 -5.76
N VAL E 64 8.79 -21.20 -4.76
CA VAL E 64 9.19 -20.86 -3.40
C VAL E 64 10.15 -21.84 -2.74
N MET E 65 9.92 -23.14 -2.94
CA MET E 65 10.66 -24.12 -2.17
C MET E 65 10.40 -25.53 -2.71
N GLN E 66 11.28 -26.44 -2.33
CA GLN E 66 11.13 -27.85 -2.66
C GLN E 66 11.11 -28.54 -1.33
N HIS E 67 9.97 -29.02 -0.90
CA HIS E 67 9.89 -29.73 0.37
C HIS E 67 10.39 -31.19 0.23
N HIS E 68 10.85 -31.74 1.35
CA HIS E 68 11.38 -33.09 1.39
C HIS E 68 10.77 -33.75 2.61
N GLY E 69 10.15 -34.90 2.44
CA GLY E 69 9.44 -35.52 3.54
C GLY E 69 7.93 -35.31 3.45
N ARG E 70 7.30 -34.94 4.55
CA ARG E 70 5.84 -34.78 4.53
C ARG E 70 5.28 -33.50 5.08
N MET E 71 4.37 -32.93 4.32
CA MET E 71 3.71 -31.68 4.63
C MET E 71 2.26 -31.85 5.02
N LEU E 72 1.84 -31.25 6.12
CA LEU E 72 0.40 -31.16 6.36
C LEU E 72 -0.08 -29.77 5.93
N LEU E 73 -0.89 -29.74 4.90
CA LEU E 73 -1.42 -28.52 4.30
C LEU E 73 -2.82 -28.32 4.89
N SER E 74 -3.02 -27.21 5.59
CA SER E 74 -4.32 -26.89 6.16
C SER E 74 -5.44 -26.75 5.12
N GLY E 75 -6.51 -27.52 5.27
CA GLY E 75 -7.53 -27.48 4.22
C GLY E 75 -8.39 -26.21 4.32
N ASN E 76 -8.10 -25.44 5.35
CA ASN E 76 -8.80 -24.20 5.56
C ASN E 76 -8.65 -23.26 4.39
N ASN E 77 -7.48 -23.28 3.76
CA ASN E 77 -7.18 -22.37 2.65
C ASN E 77 -7.26 -22.97 1.25
N ILE E 78 -7.63 -24.25 1.14
CA ILE E 78 -7.62 -24.92 -0.15
C ILE E 78 -8.87 -24.65 -0.96
N ALA E 79 -8.70 -24.13 -2.17
CA ALA E 79 -9.81 -23.87 -3.06
C ALA E 79 -10.03 -24.97 -4.09
N ILE E 80 -8.95 -25.49 -4.64
CA ILE E 80 -9.03 -26.50 -5.70
C ILE E 80 -8.05 -27.65 -5.53
N LEU E 81 -8.47 -28.84 -5.95
CA LEU E 81 -7.58 -29.99 -6.00
C LEU E 81 -7.58 -30.51 -7.43
N VAL E 82 -6.39 -30.72 -7.98
CA VAL E 82 -6.27 -31.34 -9.30
C VAL E 82 -5.52 -32.65 -9.19
N PRO E 83 -6.17 -33.74 -9.59
CA PRO E 83 -5.54 -35.07 -9.52
C PRO E 83 -4.45 -35.23 -10.56
N GLY E 84 -3.36 -35.89 -10.18
CA GLY E 84 -2.23 -36.09 -11.08
C GLY E 84 -1.63 -34.80 -11.58
N GLY E 85 -1.59 -33.79 -10.71
CA GLY E 85 -1.01 -32.51 -11.06
C GLY E 85 -1.62 -31.92 -12.32
N ALA F 26 -31.39 -29.49 1.24
CA ALA F 26 -30.68 -28.35 0.65
C ALA F 26 -31.61 -27.57 -0.26
N ILE F 27 -31.24 -26.32 -0.58
CA ILE F 27 -32.15 -25.44 -1.36
C ILE F 27 -31.88 -25.43 -2.85
N LEU F 28 -30.71 -25.92 -3.23
CA LEU F 28 -30.34 -26.01 -4.63
C LEU F 28 -30.22 -27.48 -5.06
N ASP F 29 -31.00 -27.92 -6.04
CA ASP F 29 -30.88 -29.32 -6.44
C ASP F 29 -29.82 -29.47 -7.52
N LEU F 30 -28.63 -29.89 -7.11
CA LEU F 30 -27.51 -29.95 -8.03
C LEU F 30 -27.66 -31.09 -9.08
N ALA F 31 -28.65 -31.96 -8.91
CA ALA F 31 -28.80 -33.09 -9.80
C ALA F 31 -29.16 -32.61 -11.18
N LYS F 32 -29.97 -31.56 -11.26
CA LYS F 32 -30.37 -31.04 -12.55
C LYS F 32 -29.21 -30.40 -13.30
N TYR F 33 -28.09 -30.25 -12.60
CA TYR F 33 -26.92 -29.66 -13.24
C TYR F 33 -25.85 -30.69 -13.58
N LYS F 34 -26.06 -31.97 -13.27
CA LYS F 34 -25.05 -32.96 -13.64
C LYS F 34 -25.01 -33.10 -15.17
N ASP F 35 -23.77 -33.13 -15.67
CA ASP F 35 -23.38 -33.08 -17.08
C ASP F 35 -23.72 -31.78 -17.82
N SER F 36 -23.86 -30.68 -17.10
CA SER F 36 -23.99 -29.37 -17.73
C SER F 36 -22.78 -28.51 -17.34
N LYS F 37 -22.61 -27.39 -18.03
CA LYS F 37 -21.48 -26.53 -17.77
C LYS F 37 -21.85 -25.43 -16.78
N ILE F 38 -21.19 -25.40 -15.61
CA ILE F 38 -21.54 -24.41 -14.59
C ILE F 38 -20.41 -23.39 -14.34
N ARG F 39 -20.82 -22.23 -13.83
CA ARG F 39 -19.92 -21.14 -13.49
C ARG F 39 -19.87 -21.02 -11.96
N VAL F 40 -18.67 -21.12 -11.40
CA VAL F 40 -18.46 -21.11 -9.96
C VAL F 40 -17.44 -20.06 -9.52
N LYS F 41 -17.93 -19.03 -8.85
CA LYS F 41 -17.07 -17.98 -8.32
C LYS F 41 -16.62 -18.35 -6.90
N LEU F 42 -15.31 -18.24 -6.66
CA LEU F 42 -14.71 -18.61 -5.41
C LEU F 42 -14.23 -17.44 -4.56
N MET F 43 -14.01 -17.75 -3.29
CA MET F 43 -13.51 -16.77 -2.35
C MET F 43 -12.05 -16.45 -2.66
N GLY F 44 -11.75 -15.16 -2.80
CA GLY F 44 -10.40 -14.73 -3.08
C GLY F 44 -10.35 -14.30 -4.54
N GLY F 45 -11.53 -14.26 -5.16
CA GLY F 45 -11.70 -13.75 -6.51
C GLY F 45 -11.39 -14.69 -7.65
N LYS F 46 -11.53 -16.00 -7.47
CA LYS F 46 -11.33 -16.93 -8.59
C LYS F 46 -12.63 -17.27 -9.29
N LEU F 47 -12.55 -17.48 -10.59
CA LEU F 47 -13.67 -17.97 -11.38
C LEU F 47 -13.36 -19.34 -11.95
N VAL F 48 -14.31 -20.25 -11.97
CA VAL F 48 -14.08 -21.56 -12.55
C VAL F 48 -15.31 -22.02 -13.32
N ILE F 49 -15.14 -22.34 -14.60
CA ILE F 49 -16.23 -22.90 -15.38
C ILE F 49 -15.88 -24.32 -15.70
N GLY F 50 -16.76 -25.26 -15.41
CA GLY F 50 -16.40 -26.66 -15.64
C GLY F 50 -17.65 -27.43 -15.97
N VAL F 51 -17.53 -28.74 -16.19
CA VAL F 51 -18.74 -29.56 -16.37
C VAL F 51 -18.95 -30.29 -15.05
N LEU F 52 -20.16 -30.21 -14.51
CA LEU F 52 -20.48 -30.79 -13.19
C LEU F 52 -20.61 -32.30 -13.26
N LYS F 53 -19.66 -33.00 -12.63
CA LYS F 53 -19.69 -34.45 -12.58
C LYS F 53 -20.20 -35.00 -11.24
N GLY F 54 -19.84 -34.33 -10.15
CA GLY F 54 -20.22 -34.79 -8.82
C GLY F 54 -20.44 -33.67 -7.81
N TYR F 55 -21.21 -33.97 -6.76
CA TYR F 55 -21.45 -33.00 -5.68
C TYR F 55 -21.70 -33.67 -4.33
N ASP F 56 -21.55 -32.90 -3.25
CA ASP F 56 -21.91 -33.40 -1.93
C ASP F 56 -22.81 -32.39 -1.21
N GLN F 57 -23.30 -32.77 -0.04
CA GLN F 57 -24.20 -31.90 0.72
C GLN F 57 -23.48 -30.64 1.20
N LEU F 58 -22.16 -30.74 1.31
CA LEU F 58 -21.33 -29.62 1.74
C LEU F 58 -20.93 -28.67 0.61
N MET F 59 -21.53 -28.89 -0.57
CA MET F 59 -21.24 -28.13 -1.79
C MET F 59 -19.83 -28.32 -2.41
N ASN F 60 -19.14 -29.37 -2.03
CA ASN F 60 -17.95 -29.81 -2.73
C ASN F 60 -18.36 -30.29 -4.13
N LEU F 61 -17.71 -29.81 -5.17
CA LEU F 61 -17.98 -30.18 -6.55
C LEU F 61 -16.88 -31.00 -7.22
N VAL F 62 -17.26 -31.77 -8.23
CA VAL F 62 -16.30 -32.42 -9.12
C VAL F 62 -16.52 -31.87 -10.54
N LEU F 63 -15.61 -31.01 -11.01
CA LEU F 63 -15.75 -30.40 -12.33
C LEU F 63 -14.85 -31.13 -13.33
N ASP F 64 -15.25 -31.15 -14.61
CA ASP F 64 -14.48 -31.74 -15.70
C ASP F 64 -14.31 -30.66 -16.75
N ASP F 65 -13.23 -30.69 -17.54
CA ASP F 65 -12.91 -29.61 -18.48
C ASP F 65 -12.96 -28.30 -17.76
N THR F 66 -12.29 -28.28 -16.63
CA THR F 66 -12.28 -27.11 -15.76
C THR F 66 -11.36 -26.05 -16.33
N VAL F 67 -11.92 -24.86 -16.50
CA VAL F 67 -11.11 -23.72 -16.85
C VAL F 67 -11.22 -22.67 -15.76
N GLU F 68 -10.08 -22.35 -15.15
CA GLU F 68 -10.01 -21.36 -14.08
C GLU F 68 -9.65 -20.01 -14.67
N TYR F 69 -10.53 -19.04 -14.48
CA TYR F 69 -10.37 -17.65 -14.92
C TYR F 69 -9.89 -16.79 -13.76
N MET F 70 -8.75 -16.13 -13.95
CA MET F 70 -8.08 -15.47 -12.85
C MET F 70 -8.10 -13.96 -12.99
N ASN F 85 -5.60 -14.70 -17.73
CA ASN F 85 -7.02 -14.60 -18.01
C ASN F 85 -7.66 -15.98 -18.22
N ALA F 86 -6.83 -16.97 -18.54
CA ALA F 86 -7.28 -18.34 -18.86
C ALA F 86 -6.29 -19.40 -18.36
N ARG F 87 -6.79 -20.42 -17.69
CA ARG F 87 -5.96 -21.54 -17.23
C ARG F 87 -6.70 -22.89 -17.28
N LYS F 88 -6.06 -23.91 -17.84
CA LYS F 88 -6.79 -25.15 -18.11
C LYS F 88 -6.36 -26.30 -17.20
N LEU F 89 -7.17 -26.53 -16.18
CA LEU F 89 -7.00 -27.68 -15.31
C LEU F 89 -7.96 -28.70 -15.85
N GLY F 90 -7.99 -29.91 -15.34
CA GLY F 90 -8.87 -30.88 -15.99
C GLY F 90 -10.05 -31.25 -15.14
N LEU F 91 -9.88 -32.37 -14.48
CA LEU F 91 -10.84 -32.94 -13.59
C LEU F 91 -10.46 -32.43 -12.22
N THR F 92 -11.19 -31.43 -11.77
CA THR F 92 -10.87 -30.81 -10.47
C THR F 92 -11.92 -31.04 -9.40
N VAL F 93 -11.49 -31.07 -8.15
CA VAL F 93 -12.40 -31.03 -7.00
C VAL F 93 -12.41 -29.60 -6.41
N ILE F 94 -13.55 -28.90 -6.53
CA ILE F 94 -13.78 -27.63 -5.84
C ILE F 94 -14.26 -27.73 -4.36
N ARG F 95 -13.58 -27.02 -3.45
CA ARG F 95 -14.05 -27.05 -2.07
C ARG F 95 -15.25 -26.15 -1.86
N GLY F 96 -16.21 -26.67 -1.13
CA GLY F 96 -17.49 -26.02 -1.02
C GLY F 96 -17.41 -24.92 0.02
N THR F 97 -16.41 -24.99 0.90
CA THR F 97 -16.37 -24.05 1.99
C THR F 97 -16.02 -22.67 1.45
N ILE F 98 -15.25 -22.63 0.38
CA ILE F 98 -14.82 -21.38 -0.23
C ILE F 98 -15.69 -20.93 -1.40
N LEU F 99 -16.69 -21.74 -1.75
CA LEU F 99 -17.56 -21.39 -2.87
C LEU F 99 -18.41 -20.18 -2.52
N VAL F 100 -18.48 -19.20 -3.41
CA VAL F 100 -19.29 -18.01 -3.16
C VAL F 100 -20.56 -17.96 -3.99
N SER F 101 -20.46 -18.31 -5.27
CA SER F 101 -21.61 -18.27 -6.16
C SER F 101 -21.58 -19.39 -7.19
N LEU F 102 -22.74 -19.75 -7.71
CA LEU F 102 -22.86 -20.81 -8.69
C LEU F 102 -24.03 -20.57 -9.64
N SER F 103 -23.71 -20.43 -10.93
CA SER F 103 -24.68 -20.20 -11.98
C SER F 103 -24.51 -21.23 -13.06
N SER F 104 -25.28 -21.13 -14.14
CA SER F 104 -25.09 -22.05 -15.24
C SER F 104 -24.22 -21.41 -16.34
N ALA F 105 -23.90 -22.16 -17.39
CA ALA F 105 -23.13 -21.65 -18.53
C ALA F 105 -23.53 -22.31 -19.86
N MET G 1 -39.46 -7.80 12.85
CA MET G 1 -39.29 -9.25 12.74
C MET G 1 -37.87 -9.60 12.31
N LEU G 2 -37.52 -10.88 12.46
CA LEU G 2 -36.16 -11.33 12.15
C LEU G 2 -35.85 -11.25 10.66
N PRO G 3 -34.60 -10.89 10.32
CA PRO G 3 -34.11 -10.84 8.93
C PRO G 3 -34.42 -12.11 8.19
N LEU G 4 -34.23 -13.27 8.82
CA LEU G 4 -34.44 -14.53 8.11
C LEU G 4 -35.90 -14.81 7.82
N TYR G 5 -36.78 -14.54 8.78
CA TYR G 5 -38.21 -14.68 8.58
C TYR G 5 -38.66 -13.80 7.41
N LEU G 6 -38.14 -12.58 7.41
CA LEU G 6 -38.42 -11.58 6.40
C LEU G 6 -38.06 -12.13 5.03
N LEU G 7 -36.87 -12.74 4.95
CA LEU G 7 -36.41 -13.32 3.70
C LEU G 7 -37.29 -14.49 3.26
N THR G 8 -37.56 -15.40 4.19
CA THR G 8 -38.36 -16.60 3.92
C THR G 8 -39.71 -16.24 3.35
N ASN G 9 -40.23 -15.07 3.69
CA ASN G 9 -41.54 -14.72 3.14
C ASN G 9 -41.47 -13.74 1.97
N ALA G 10 -40.26 -13.30 1.62
CA ALA G 10 -40.06 -12.47 0.42
C ALA G 10 -39.91 -13.37 -0.81
N LYS G 11 -40.08 -14.67 -0.59
CA LYS G 11 -39.98 -15.68 -1.64
C LYS G 11 -40.96 -15.35 -2.78
N GLY G 12 -40.41 -15.01 -3.94
CA GLY G 12 -41.22 -14.73 -5.13
C GLY G 12 -41.15 -13.28 -5.52
N GLN G 13 -40.46 -12.51 -4.66
CA GLN G 13 -40.26 -11.08 -4.89
C GLN G 13 -38.99 -10.78 -5.65
N GLN G 14 -38.83 -9.54 -6.04
CA GLN G 14 -37.60 -9.15 -6.65
C GLN G 14 -36.73 -8.50 -5.57
N MET G 15 -35.42 -8.70 -5.65
CA MET G 15 -34.48 -8.12 -4.69
C MET G 15 -33.08 -7.98 -5.28
N GLN G 16 -32.30 -7.07 -4.67
CA GLN G 16 -30.98 -6.79 -5.18
C GLN G 16 -29.85 -7.05 -4.16
N ILE G 17 -28.96 -8.00 -4.45
CA ILE G 17 -27.92 -8.37 -3.50
C ILE G 17 -26.59 -7.69 -3.81
N GLU G 18 -25.93 -7.12 -2.79
CA GLU G 18 -24.58 -6.66 -2.98
C GLU G 18 -23.69 -7.71 -2.32
N LEU G 19 -22.71 -8.22 -3.05
CA LEU G 19 -21.77 -9.19 -2.52
C LEU G 19 -20.53 -8.54 -1.97
N LYS G 20 -19.73 -9.31 -1.23
CA LYS G 20 -18.52 -8.74 -0.69
C LYS G 20 -17.44 -8.29 -1.65
N ASN G 21 -17.56 -8.72 -2.89
CA ASN G 21 -16.63 -8.36 -3.98
C ASN G 21 -17.11 -7.17 -4.83
N GLY G 22 -18.34 -6.71 -4.57
CA GLY G 22 -18.84 -5.56 -5.28
C GLY G 22 -19.88 -5.90 -6.33
N GLU G 23 -19.93 -7.17 -6.72
CA GLU G 23 -20.90 -7.62 -7.71
C GLU G 23 -22.32 -7.41 -7.17
N ILE G 24 -23.19 -6.96 -8.06
CA ILE G 24 -24.60 -6.77 -7.73
C ILE G 24 -25.45 -7.78 -8.44
N ILE G 25 -26.38 -8.36 -7.71
CA ILE G 25 -27.22 -9.40 -8.27
C ILE G 25 -28.70 -9.08 -8.18
N GLN G 26 -29.34 -8.69 -9.29
CA GLN G 26 -30.77 -8.46 -9.30
C GLN G 26 -31.49 -9.73 -9.70
N GLY G 27 -32.45 -10.17 -8.89
CA GLY G 27 -33.15 -11.37 -9.28
C GLY G 27 -34.36 -11.58 -8.43
N ILE G 28 -35.06 -12.67 -8.70
CA ILE G 28 -36.27 -12.94 -7.97
C ILE G 28 -35.99 -14.10 -7.06
N LEU G 29 -36.29 -13.94 -5.78
CA LEU G 29 -35.86 -14.93 -4.81
C LEU G 29 -36.68 -16.24 -4.94
N THR G 30 -36.02 -17.39 -4.95
CA THR G 30 -36.73 -18.64 -5.12
C THR G 30 -36.52 -19.54 -3.92
N ASN G 31 -35.43 -19.33 -3.18
CA ASN G 31 -35.22 -20.11 -1.95
C ASN G 31 -34.17 -19.52 -0.97
N VAL G 32 -34.42 -19.70 0.33
CA VAL G 32 -33.54 -19.28 1.41
C VAL G 32 -33.35 -20.45 2.36
N ASP G 33 -32.17 -20.56 2.97
CA ASP G 33 -32.04 -21.46 4.11
C ASP G 33 -31.56 -20.75 5.38
N ASN G 34 -31.41 -21.49 6.48
CA ASN G 34 -31.05 -20.86 7.75
C ASN G 34 -29.69 -20.17 7.80
N TRP G 35 -28.87 -20.31 6.78
CA TRP G 35 -27.57 -19.65 6.76
C TRP G 35 -27.55 -18.55 5.75
N MET G 36 -28.74 -18.22 5.28
CA MET G 36 -29.02 -17.16 4.33
C MET G 36 -28.43 -17.36 2.93
N ASN G 37 -28.12 -18.61 2.60
CA ASN G 37 -27.82 -19.02 1.24
C ASN G 37 -29.06 -18.80 0.39
N LEU G 38 -28.89 -18.22 -0.78
CA LEU G 38 -30.04 -17.90 -1.58
C LEU G 38 -30.05 -18.71 -2.91
N THR G 39 -31.21 -18.79 -3.55
CA THR G 39 -31.27 -19.16 -4.94
C THR G 39 -32.26 -18.19 -5.54
N LEU G 40 -31.88 -17.57 -6.66
CA LEU G 40 -32.76 -16.64 -7.35
C LEU G 40 -32.90 -17.05 -8.83
N SER G 41 -34.06 -16.74 -9.41
CA SER G 41 -34.32 -16.92 -10.83
C SER G 41 -34.38 -15.57 -11.50
N ASN G 42 -34.48 -15.54 -12.83
CA ASN G 42 -34.47 -14.29 -13.61
C ASN G 42 -33.40 -13.26 -13.20
N VAL G 43 -32.16 -13.71 -13.28
CA VAL G 43 -31.02 -13.02 -12.68
C VAL G 43 -30.27 -12.12 -13.65
N THR G 44 -29.72 -11.03 -13.13
CA THR G 44 -28.81 -10.14 -13.84
C THR G 44 -27.72 -9.75 -12.90
N GLU G 45 -26.50 -10.11 -13.23
CA GLU G 45 -25.43 -9.77 -12.33
C GLU G 45 -24.58 -8.73 -13.00
N TYR G 46 -24.09 -7.82 -12.18
CA TYR G 46 -23.24 -6.73 -12.60
C TYR G 46 -21.89 -6.85 -11.88
N SER G 47 -20.81 -6.43 -12.55
CA SER G 47 -19.45 -6.39 -11.96
C SER G 47 -19.34 -5.38 -10.85
N GLU G 48 -20.21 -4.38 -10.88
CA GLU G 48 -20.24 -3.36 -9.84
C GLU G 48 -21.53 -2.57 -10.01
N GLU G 49 -21.77 -1.64 -9.10
CA GLU G 49 -23.00 -0.86 -9.12
C GLU G 49 -23.04 0.15 -10.28
N SER G 50 -21.87 0.48 -10.82
CA SER G 50 -21.74 1.41 -11.94
C SER G 50 -22.76 1.14 -13.05
N ALA G 51 -22.88 -0.13 -13.42
CA ALA G 51 -23.84 -0.57 -14.44
C ALA G 51 -25.28 -0.44 -13.92
N ALA G 63 -22.88 -6.78 -17.76
CA ALA G 63 -24.30 -7.02 -17.48
C ALA G 63 -24.76 -8.41 -17.94
N VAL G 64 -24.45 -9.44 -17.16
CA VAL G 64 -24.81 -10.81 -17.55
C VAL G 64 -26.19 -11.30 -17.08
N LYS G 65 -26.98 -11.86 -17.99
CA LYS G 65 -28.28 -12.40 -17.59
C LYS G 65 -28.10 -13.89 -17.38
N LEU G 66 -28.62 -14.38 -16.25
CA LEU G 66 -28.48 -15.80 -15.88
C LEU G 66 -29.85 -16.31 -15.49
N ASN G 67 -30.07 -17.58 -15.72
CA ASN G 67 -31.34 -18.19 -15.42
C ASN G 67 -31.53 -18.43 -13.93
N GLU G 68 -30.49 -18.94 -13.28
CA GLU G 68 -30.56 -19.21 -11.86
C GLU G 68 -29.20 -18.94 -11.23
N ILE G 69 -29.18 -18.41 -10.03
CA ILE G 69 -27.94 -18.24 -9.30
C ILE G 69 -28.09 -18.69 -7.84
N TYR G 70 -27.04 -19.31 -7.33
CA TYR G 70 -26.95 -19.68 -5.93
C TYR G 70 -25.87 -18.80 -5.30
N ILE G 71 -26.19 -18.22 -4.15
CA ILE G 71 -25.30 -17.28 -3.47
C ILE G 71 -25.03 -17.72 -2.04
N ARG G 72 -23.76 -17.90 -1.65
CA ARG G 72 -23.49 -18.22 -0.25
C ARG G 72 -23.79 -17.02 0.63
N GLY G 73 -24.37 -17.26 1.79
CA GLY G 73 -24.81 -16.16 2.65
C GLY G 73 -23.65 -15.38 3.28
N THR G 74 -22.51 -16.05 3.51
CA THR G 74 -21.32 -15.43 4.12
C THR G 74 -20.73 -14.37 3.18
N PHE G 75 -21.14 -14.40 1.92
CA PHE G 75 -20.63 -13.46 0.91
C PHE G 75 -21.46 -12.19 0.65
N ILE G 76 -22.55 -12.03 1.39
CA ILE G 76 -23.47 -10.93 1.18
C ILE G 76 -23.19 -9.79 2.14
N LYS G 77 -23.08 -8.58 1.59
CA LYS G 77 -22.90 -7.39 2.41
C LYS G 77 -24.28 -6.92 2.86
N PHE G 78 -25.20 -6.85 1.90
CA PHE G 78 -26.57 -6.42 2.16
C PHE G 78 -27.53 -6.82 1.02
N ILE G 79 -28.82 -6.75 1.30
CA ILE G 79 -29.83 -7.13 0.34
C ILE G 79 -30.89 -6.04 0.30
N LYS G 80 -30.98 -5.32 -0.79
CA LYS G 80 -32.08 -4.35 -0.94
C LYS G 80 -33.38 -5.08 -1.23
N LEU G 81 -34.40 -4.79 -0.42
CA LEU G 81 -35.71 -5.40 -0.60
C LEU G 81 -36.67 -4.45 -1.31
N GLN G 82 -37.76 -5.00 -1.85
CA GLN G 82 -38.70 -4.12 -2.51
C GLN G 82 -39.52 -3.44 -1.46
N ASP G 83 -39.82 -2.16 -1.69
CA ASP G 83 -40.53 -1.30 -0.74
C ASP G 83 -41.83 -1.95 -0.31
N ASN G 84 -42.36 -2.77 -1.20
CA ASN G 84 -43.56 -3.59 -1.01
C ASN G 84 -43.48 -4.48 0.23
N ILE G 85 -42.26 -4.74 0.68
CA ILE G 85 -41.92 -5.80 1.64
C ILE G 85 -42.83 -5.94 2.85
N ILE G 86 -43.06 -4.83 3.56
CA ILE G 86 -43.72 -4.87 4.87
C ILE G 86 -45.13 -5.45 4.83
N ASP G 87 -45.85 -5.13 3.77
CA ASP G 87 -47.24 -5.57 3.60
C ASP G 87 -47.32 -6.92 2.92
N LYS G 88 -46.32 -7.24 2.09
CA LYS G 88 -46.31 -8.47 1.31
C LYS G 88 -46.06 -9.70 2.16
N SER H 2 30.58 9.61 -25.95
CA SER H 2 29.16 9.97 -26.06
C SER H 2 28.30 8.74 -26.33
N ALA H 3 27.11 8.73 -25.74
CA ALA H 3 26.17 7.63 -25.91
C ALA H 3 24.85 8.14 -26.51
N THR H 4 24.77 8.15 -27.83
CA THR H 4 23.59 8.64 -28.53
C THR H 4 22.71 7.51 -29.04
N LEU H 5 21.47 7.85 -29.39
CA LEU H 5 20.55 6.87 -29.95
C LEU H 5 20.53 6.91 -31.47
N LYS H 6 21.67 7.20 -32.07
CA LYS H 6 21.78 7.27 -33.52
C LYS H 6 21.58 5.89 -34.14
N ASP H 7 22.49 4.97 -33.81
CA ASP H 7 22.45 3.62 -34.34
C ASP H 7 21.04 3.03 -34.34
N TYR H 8 20.19 3.59 -33.50
CA TYR H 8 18.82 3.11 -33.34
C TYR H 8 17.85 3.85 -34.24
N LEU H 9 18.36 4.84 -34.98
CA LEU H 9 17.53 5.63 -35.87
C LEU H 9 16.96 4.77 -37.01
N ASN H 10 15.68 4.98 -37.31
CA ASN H 10 15.04 4.26 -38.40
C ASN H 10 15.12 2.74 -38.21
N LYS H 11 15.01 2.29 -36.98
CA LYS H 11 15.07 0.88 -36.65
C LYS H 11 13.97 0.55 -35.66
N ARG H 12 13.54 -0.70 -35.60
CA ARG H 12 12.47 -1.06 -34.68
C ARG H 12 13.04 -1.04 -33.27
N VAL H 13 12.26 -0.54 -32.33
CA VAL H 13 12.75 -0.35 -30.97
C VAL H 13 11.73 -0.76 -29.89
N VAL H 14 12.28 -1.16 -28.75
CA VAL H 14 11.53 -1.51 -27.56
C VAL H 14 11.79 -0.43 -26.51
N ILE H 15 10.73 0.21 -26.03
CA ILE H 15 10.92 1.17 -24.96
C ILE H 15 10.25 0.68 -23.69
N ILE H 16 11.01 0.72 -22.61
CA ILE H 16 10.51 0.40 -21.27
C ILE H 16 10.40 1.69 -20.50
N LEU H 17 9.18 2.00 -20.06
CA LEU H 17 8.91 3.23 -19.36
C LEU H 17 9.09 3.08 -17.85
N VAL H 18 9.32 4.20 -17.16
CA VAL H 18 9.51 4.17 -15.71
C VAL H 18 8.34 3.57 -14.94
N ASP H 19 7.13 3.67 -15.51
CA ASP H 19 5.95 3.07 -14.91
C ASP H 19 6.01 1.55 -15.04
N GLY H 20 6.76 1.08 -16.04
CA GLY H 20 6.93 -0.35 -16.28
C GLY H 20 6.03 -0.97 -17.33
N GLU H 21 5.90 -0.29 -18.47
CA GLU H 21 5.17 -0.84 -19.61
C GLU H 21 6.04 -0.79 -20.87
N SER H 22 5.87 -1.77 -21.75
CA SER H 22 6.71 -1.85 -22.94
C SER H 22 6.01 -1.28 -24.17
N LEU H 23 6.81 -0.87 -25.16
CA LEU H 23 6.26 -0.40 -26.43
C LEU H 23 7.15 -0.81 -27.61
N ILE H 24 6.55 -1.30 -28.69
CA ILE H 24 7.30 -1.53 -29.93
C ILE H 24 7.06 -0.35 -30.85
N ALA H 25 8.11 0.13 -31.50
CA ALA H 25 7.96 1.34 -32.29
C ALA H 25 9.07 1.54 -33.31
N SER H 26 9.03 2.67 -34.00
CA SER H 26 10.09 3.07 -34.91
C SER H 26 10.47 4.52 -34.63
N LEU H 27 11.75 4.77 -34.35
CA LEU H 27 12.17 6.09 -33.93
C LEU H 27 12.71 6.91 -35.10
N ASN H 28 11.88 7.82 -35.60
CA ASN H 28 12.29 8.71 -36.69
C ASN H 28 13.26 9.81 -36.23
N GLY H 29 13.04 10.33 -35.03
CA GLY H 29 13.88 11.41 -34.52
C GLY H 29 13.98 11.41 -33.00
N PHE H 30 15.02 12.05 -32.48
CA PHE H 30 15.21 12.12 -31.03
C PHE H 30 16.01 13.37 -30.67
N ASP H 31 15.87 13.84 -29.43
CA ASP H 31 16.68 14.97 -28.96
C ASP H 31 17.57 14.61 -27.78
N LYS H 32 18.33 15.60 -27.29
CA LYS H 32 19.31 15.41 -26.22
C LYS H 32 18.64 15.41 -24.84
N ASN H 33 17.33 15.19 -24.83
CA ASN H 33 16.57 15.02 -23.63
C ASN H 33 15.87 13.70 -23.78
N THR H 34 16.42 12.87 -24.65
CA THR H 34 15.79 11.61 -25.10
C THR H 34 14.26 11.63 -25.30
N ASN H 35 13.74 12.72 -25.83
CA ASN H 35 12.36 12.79 -26.26
C ASN H 35 12.17 11.90 -27.48
N LEU H 36 11.48 10.78 -27.29
CA LEU H 36 11.31 9.80 -28.37
C LEU H 36 10.27 10.22 -29.41
N PHE H 37 10.73 10.58 -30.60
CA PHE H 37 9.83 10.85 -31.71
C PHE H 37 9.66 9.58 -32.53
N LEU H 38 8.66 8.77 -32.20
CA LEU H 38 8.46 7.49 -32.87
C LEU H 38 7.12 7.39 -33.60
N THR H 39 7.06 6.46 -34.55
CA THR H 39 5.85 6.24 -35.32
C THR H 39 5.41 4.78 -35.21
N ASN H 40 4.13 4.53 -35.45
CA ASN H 40 3.58 3.18 -35.38
C ASN H 40 3.79 2.55 -34.01
N VAL H 41 3.37 3.26 -32.96
CA VAL H 41 3.51 2.73 -31.61
C VAL H 41 2.39 1.76 -31.21
N PHE H 42 2.75 0.78 -30.40
CA PHE H 42 1.81 -0.16 -29.82
C PHE H 42 2.38 -0.84 -28.58
N ASN H 43 1.50 -1.38 -27.74
CA ASN H 43 1.91 -2.02 -26.51
C ASN H 43 2.64 -3.34 -26.75
N ARG H 44 3.76 -3.51 -26.06
CA ARG H 44 4.54 -4.74 -26.18
C ARG H 44 3.80 -5.90 -25.53
N LYS H 47 -2.07 -6.03 -26.53
CA LYS H 47 -1.07 -5.91 -27.57
C LYS H 47 -1.65 -5.27 -28.84
N GLU H 48 -2.40 -4.18 -28.65
CA GLU H 48 -3.02 -3.48 -29.76
C GLU H 48 -2.33 -2.15 -30.02
N PHE H 49 -2.15 -1.78 -31.29
CA PHE H 49 -1.48 -0.53 -31.65
C PHE H 49 -2.36 0.72 -31.37
N ILE H 50 -1.79 1.67 -30.63
CA ILE H 50 -2.47 2.89 -30.28
C ILE H 50 -2.40 3.86 -31.45
N SER H 51 -1.20 4.01 -31.99
CA SER H 51 -1.02 4.84 -33.17
C SER H 51 0.27 4.48 -33.88
N LYS H 52 0.34 4.79 -35.17
CA LYS H 52 1.63 4.89 -35.81
C LYS H 52 1.87 6.39 -35.76
N ALA H 53 2.93 6.78 -35.06
CA ALA H 53 3.32 8.19 -34.85
C ALA H 53 2.82 8.78 -33.54
N GLN H 54 3.72 8.90 -32.58
CA GLN H 54 3.47 9.64 -31.35
C GLN H 54 4.76 10.22 -30.79
N LEU H 55 4.65 11.30 -30.02
CA LEU H 55 5.78 11.87 -29.30
C LEU H 55 5.84 11.42 -27.85
N LEU H 56 6.95 10.82 -27.45
CA LEU H 56 7.12 10.38 -26.07
C LEU H 56 8.15 11.29 -25.41
N ARG H 57 7.92 11.60 -24.15
CA ARG H 57 8.80 12.49 -23.42
C ARG H 57 9.90 11.71 -22.72
N GLY H 58 11.13 12.21 -22.80
CA GLY H 58 12.27 11.51 -22.23
C GLY H 58 12.07 11.11 -20.79
N SER H 59 11.36 11.96 -20.05
CA SER H 59 11.13 11.73 -18.64
C SER H 59 10.50 10.36 -18.39
N GLU H 60 9.64 9.89 -19.30
CA GLU H 60 8.96 8.62 -19.09
C GLU H 60 9.75 7.41 -19.66
N ILE H 61 10.78 7.66 -20.45
CA ILE H 61 11.65 6.58 -20.91
C ILE H 61 12.56 6.11 -19.78
N ALA H 62 12.52 4.82 -19.50
CA ALA H 62 13.48 4.26 -18.55
C ALA H 62 14.58 3.67 -19.38
N LEU H 63 14.23 3.20 -20.57
CA LEU H 63 15.15 2.31 -21.26
C LEU H 63 14.80 2.07 -22.72
N VAL H 64 15.74 2.31 -23.61
CA VAL H 64 15.52 1.98 -25.01
C VAL H 64 16.42 0.84 -25.51
N GLY H 65 15.77 -0.15 -26.14
CA GLY H 65 16.47 -1.30 -26.69
C GLY H 65 16.24 -1.51 -28.18
N LEU H 66 17.30 -1.92 -28.87
CA LEU H 66 17.24 -2.09 -30.31
C LEU H 66 16.78 -3.50 -30.70
N ILE H 67 15.70 -3.57 -31.48
CA ILE H 67 15.17 -4.85 -31.92
C ILE H 67 15.12 -4.92 -33.45
N MET I 1 30.96 15.25 -13.98
CA MET I 1 32.23 15.12 -14.69
C MET I 1 33.04 13.92 -14.22
N LEU I 2 33.41 13.92 -12.93
CA LEU I 2 34.22 12.83 -12.38
C LEU I 2 33.75 11.41 -12.79
N PHE I 3 32.49 11.11 -12.50
CA PHE I 3 31.94 9.79 -12.80
C PHE I 3 31.82 9.52 -14.30
N PHE I 4 31.94 10.56 -15.10
CA PHE I 4 31.99 10.36 -16.54
C PHE I 4 33.30 9.64 -16.85
N SER I 5 34.41 10.25 -16.39
CA SER I 5 35.74 9.61 -16.42
C SER I 5 35.64 8.17 -15.97
N PHE I 6 35.28 8.01 -14.70
CA PHE I 6 35.28 6.67 -14.10
C PHE I 6 34.48 5.66 -14.92
N PHE I 7 33.28 6.07 -15.34
CA PHE I 7 32.48 5.17 -16.15
C PHE I 7 33.14 4.84 -17.49
N LYS I 8 33.96 5.77 -18.00
CA LYS I 8 34.66 5.50 -19.26
C LYS I 8 35.74 4.49 -18.98
N THR I 9 36.27 4.49 -17.75
CA THR I 9 37.33 3.58 -17.34
C THR I 9 36.86 2.11 -17.33
N LEU I 10 35.58 1.92 -17.60
CA LEU I 10 34.97 0.60 -17.47
C LEU I 10 34.40 0.04 -18.77
N VAL I 11 34.88 0.52 -19.92
CA VAL I 11 34.32 0.06 -21.18
C VAL I 11 34.81 -1.36 -21.51
N ASP I 12 34.05 -2.08 -22.32
CA ASP I 12 34.41 -3.45 -22.67
C ASP I 12 34.26 -4.39 -21.48
N GLN I 13 33.54 -3.94 -20.45
CA GLN I 13 33.34 -4.73 -19.25
C GLN I 13 31.91 -5.21 -19.12
N GLU I 14 31.72 -6.29 -18.37
CA GLU I 14 30.40 -6.83 -18.12
C GLU I 14 29.92 -6.43 -16.73
N VAL I 15 28.84 -5.65 -16.68
CA VAL I 15 28.30 -5.17 -15.41
C VAL I 15 26.83 -5.51 -15.28
N VAL I 16 26.30 -5.35 -14.06
CA VAL I 16 24.90 -5.58 -13.79
C VAL I 16 24.23 -4.27 -13.39
N VAL I 17 23.29 -3.81 -14.21
CA VAL I 17 22.63 -2.55 -13.96
C VAL I 17 21.25 -2.83 -13.40
N GLU I 18 20.91 -2.17 -12.30
CA GLU I 18 19.59 -2.28 -11.70
C GLU I 18 18.85 -0.95 -11.79
N LEU I 19 17.67 -0.97 -12.40
CA LEU I 19 16.88 0.24 -12.57
C LEU I 19 15.91 0.47 -11.42
N LYS I 20 15.33 1.67 -11.37
CA LYS I 20 14.39 2.06 -10.32
C LYS I 20 13.13 1.20 -10.35
N ASN I 21 12.75 0.78 -11.57
CA ASN I 21 11.56 -0.03 -11.77
C ASN I 21 11.75 -1.41 -11.16
N ASP I 22 13.00 -1.71 -10.84
CA ASP I 22 13.44 -3.00 -10.31
C ASP I 22 13.78 -3.95 -11.43
N ILE I 23 13.67 -3.48 -12.66
CA ILE I 23 14.15 -4.25 -13.79
C ILE I 23 15.67 -4.37 -13.64
N GLU I 24 16.20 -5.54 -13.98
CA GLU I 24 17.63 -5.79 -13.80
C GLU I 24 18.27 -6.40 -15.07
N ILE I 25 19.46 -5.94 -15.44
CA ILE I 25 20.01 -6.25 -16.75
C ILE I 25 21.55 -6.36 -16.78
N LYS I 26 22.07 -7.50 -17.24
CA LYS I 26 23.51 -7.74 -17.37
C LYS I 26 23.97 -7.32 -18.76
N GLY I 27 25.24 -6.96 -18.92
CA GLY I 27 25.72 -6.62 -20.25
C GLY I 27 27.13 -6.06 -20.33
N THR I 28 27.63 -5.90 -21.54
CA THR I 28 28.96 -5.32 -21.76
C THR I 28 28.85 -3.81 -22.03
N LEU I 29 29.39 -3.01 -21.10
CA LEU I 29 29.37 -1.55 -21.22
C LEU I 29 30.10 -1.10 -22.45
N GLN I 30 29.31 -0.69 -23.46
CA GLN I 30 29.86 -0.25 -24.73
C GLN I 30 30.05 1.26 -24.81
N SER I 31 29.26 2.02 -24.05
CA SER I 31 29.29 3.48 -24.16
C SER I 31 28.73 4.21 -22.92
N VAL I 32 29.38 5.30 -22.54
CA VAL I 32 28.95 6.15 -21.43
C VAL I 32 28.88 7.63 -21.83
N ASP I 33 27.80 8.32 -21.52
CA ASP I 33 27.86 9.79 -21.63
C ASP I 33 27.80 10.53 -20.29
N GLN I 34 27.42 11.81 -20.33
CA GLN I 34 27.51 12.67 -19.16
C GLN I 34 26.35 12.43 -18.20
N PHE I 35 25.14 12.34 -18.75
CA PHE I 35 23.96 12.08 -17.94
C PHE I 35 24.10 10.68 -17.39
N LEU I 36 25.22 10.03 -17.67
CA LEU I 36 25.45 8.67 -17.21
C LEU I 36 24.64 7.64 -17.98
N ASN I 37 23.95 8.07 -19.03
CA ASN I 37 23.19 7.15 -19.88
C ASN I 37 24.08 5.96 -20.23
N LEU I 38 23.51 4.77 -20.35
CA LEU I 38 24.30 3.59 -20.60
C LEU I 38 23.88 2.83 -21.84
N LYS I 39 24.87 2.37 -22.59
CA LYS I 39 24.65 1.55 -23.77
C LYS I 39 25.34 0.21 -23.58
N LEU I 40 24.53 -0.83 -23.37
CA LEU I 40 25.03 -2.17 -23.06
C LEU I 40 24.79 -3.13 -24.21
N ASP I 41 25.63 -4.15 -24.29
CA ASP I 41 25.62 -5.13 -25.37
C ASP I 41 25.65 -6.53 -24.79
N ASN I 42 25.26 -7.52 -25.60
CA ASN I 42 25.17 -8.87 -25.07
C ASN I 42 24.22 -8.93 -23.89
N ILE I 43 23.07 -8.27 -24.06
CA ILE I 43 22.04 -8.21 -23.04
C ILE I 43 21.76 -9.60 -22.49
N SER I 44 21.42 -9.66 -21.22
CA SER I 44 21.14 -10.94 -20.56
C SER I 44 20.25 -10.79 -19.32
N SER I 45 19.81 -11.91 -18.77
CA SER I 45 18.89 -11.91 -17.63
C SER I 45 19.53 -12.46 -16.37
N THR I 46 19.40 -11.71 -15.28
CA THR I 46 19.98 -12.12 -14.00
C THR I 46 18.88 -12.31 -12.95
N LYS I 50 12.95 -9.96 -12.26
CA LYS I 50 13.64 -8.68 -12.29
C LYS I 50 13.94 -8.25 -13.71
N TYR I 51 13.75 -9.17 -14.65
CA TYR I 51 14.10 -8.95 -16.05
C TYR I 51 12.90 -8.62 -16.93
N PRO I 52 13.05 -7.59 -17.77
CA PRO I 52 12.00 -7.23 -18.73
C PRO I 52 11.85 -8.34 -19.74
N HIS I 53 10.66 -8.51 -20.30
CA HIS I 53 10.41 -9.65 -21.17
C HIS I 53 10.90 -9.37 -22.59
N LEU I 54 12.21 -9.39 -22.75
CA LEU I 54 12.84 -9.28 -24.05
C LEU I 54 13.79 -10.45 -24.29
N GLY I 55 13.65 -11.09 -25.44
CA GLY I 55 14.56 -12.14 -25.84
C GLY I 55 15.34 -11.83 -27.11
N SER I 56 14.84 -10.87 -27.87
CA SER I 56 15.39 -10.59 -29.21
C SER I 56 16.26 -9.34 -29.32
N VAL I 57 16.62 -8.75 -28.20
CA VAL I 57 17.45 -7.55 -28.19
C VAL I 57 18.84 -7.84 -27.64
N ARG I 58 19.86 -7.34 -28.31
CA ARG I 58 21.24 -7.55 -27.89
C ARG I 58 21.85 -6.25 -27.37
N ASN I 59 21.41 -5.13 -27.92
CA ASN I 59 21.90 -3.82 -27.51
C ASN I 59 20.78 -2.94 -26.94
N ILE I 60 21.09 -2.18 -25.90
CA ILE I 60 20.11 -1.30 -25.28
C ILE I 60 20.74 -0.01 -24.79
N PHE I 61 19.91 1.03 -24.68
CA PHE I 61 20.36 2.32 -24.19
C PHE I 61 19.59 2.64 -22.91
N ILE I 62 20.33 2.83 -21.82
CA ILE I 62 19.69 3.10 -20.54
C ILE I 62 19.84 4.57 -20.13
N ARG I 63 18.74 5.19 -19.75
CA ARG I 63 18.76 6.58 -19.30
C ARG I 63 19.37 6.65 -17.91
N GLY I 64 20.41 7.48 -17.77
CA GLY I 64 21.13 7.60 -16.51
C GLY I 64 20.26 8.01 -15.34
N SER I 65 19.15 8.67 -15.63
CA SER I 65 18.27 9.17 -14.57
C SER I 65 17.39 8.06 -13.99
N THR I 66 17.42 6.89 -14.63
CA THR I 66 16.63 5.75 -14.19
C THR I 66 17.39 4.64 -13.44
N VAL I 67 18.68 4.84 -13.18
CA VAL I 67 19.50 3.78 -12.61
C VAL I 67 19.78 3.97 -11.13
N ARG I 68 19.22 3.09 -10.31
CA ARG I 68 19.55 3.04 -8.88
C ARG I 68 20.99 2.59 -8.59
N TYR I 69 21.44 1.56 -9.29
CA TYR I 69 22.71 0.91 -8.98
C TYR I 69 23.46 0.44 -10.22
N VAL I 70 24.78 0.30 -10.08
CA VAL I 70 25.61 -0.29 -11.11
C VAL I 70 26.64 -1.17 -10.41
N TYR I 71 26.42 -2.48 -10.46
CA TYR I 71 27.25 -3.42 -9.72
C TYR I 71 28.60 -3.65 -10.40
N LEU I 72 29.68 -3.46 -9.65
CA LEU I 72 31.01 -3.60 -10.23
C LEU I 72 31.94 -4.44 -9.38
N ASN I 73 32.73 -5.26 -10.05
CA ASN I 73 33.75 -6.08 -9.39
C ASN I 73 34.86 -5.19 -8.83
N LYS I 74 35.49 -5.65 -7.76
CA LYS I 74 36.53 -4.89 -7.09
C LYS I 74 37.67 -4.63 -8.05
N ASN I 75 37.95 -5.61 -8.89
CA ASN I 75 39.08 -5.54 -9.81
C ASN I 75 38.99 -4.40 -10.83
N MET I 76 37.80 -4.12 -11.35
CA MET I 76 37.69 -3.20 -12.47
C MET I 76 38.03 -1.77 -12.12
N VAL I 77 38.56 -1.57 -10.92
CA VAL I 77 38.61 -0.25 -10.36
C VAL I 77 39.85 -0.09 -9.51
N ASP I 78 40.54 1.03 -9.68
CA ASP I 78 41.61 1.39 -8.77
C ASP I 78 40.99 2.26 -7.70
N THR I 79 41.14 1.87 -6.44
CA THR I 79 40.46 2.60 -5.37
C THR I 79 41.20 3.86 -4.87
N ASN I 80 42.52 3.87 -5.01
CA ASN I 80 43.31 5.04 -4.62
C ASN I 80 43.14 6.16 -5.63
N LEU I 81 42.99 5.75 -6.90
CA LEU I 81 42.64 6.65 -8.01
C LEU I 81 41.35 7.41 -7.69
N LEU I 82 40.24 6.68 -7.58
CA LEU I 82 38.93 7.23 -7.26
C LEU I 82 38.97 8.06 -6.01
N GLN I 83 39.66 7.56 -4.98
CA GLN I 83 39.70 8.29 -3.73
C GLN I 83 40.36 9.66 -3.85
N ASP I 84 41.54 9.71 -4.45
CA ASP I 84 42.20 11.02 -4.52
C ASP I 84 41.56 11.97 -5.53
N ALA I 85 41.11 11.43 -6.64
CA ALA I 85 40.23 12.13 -7.58
C ALA I 85 39.08 12.84 -6.84
N THR I 86 38.33 12.07 -6.07
CA THR I 86 37.27 12.61 -5.25
C THR I 86 37.81 13.67 -4.30
N ARG I 87 38.99 13.41 -3.76
CA ARG I 87 39.58 14.35 -2.82
C ARG I 87 39.87 15.65 -3.54
N ARG I 88 40.01 15.57 -4.85
CA ARG I 88 40.36 16.73 -5.66
C ARG I 88 39.14 17.45 -6.21
N GLU I 89 38.09 16.69 -6.49
CA GLU I 89 36.87 17.25 -7.05
C GLU I 89 36.46 18.52 -6.31
N VAL I 90 35.99 19.50 -7.07
CA VAL I 90 35.54 20.76 -6.49
C VAL I 90 34.01 20.77 -6.40
N MET I 91 33.49 21.52 -5.43
CA MET I 91 32.04 21.60 -5.23
C MET I 91 31.66 22.86 -4.49
N GLU J 2 33.88 25.50 5.08
CA GLU J 2 33.59 24.08 5.23
C GLU J 2 32.21 23.74 4.68
N THR J 3 32.16 22.88 3.67
CA THR J 3 30.91 22.47 3.06
C THR J 3 30.52 21.05 3.46
N PRO J 4 29.14 20.80 3.52
CA PRO J 4 28.82 19.42 3.95
C PRO J 4 29.52 18.36 3.10
N LEU J 5 29.64 18.62 1.80
CA LEU J 5 30.28 17.66 0.89
C LEU J 5 31.77 17.46 1.20
N ASP J 6 32.39 18.42 1.87
CA ASP J 6 33.82 18.34 2.19
C ASP J 6 33.97 17.46 3.42
N LEU J 7 33.11 17.70 4.39
CA LEU J 7 33.06 16.83 5.54
C LEU J 7 32.76 15.42 5.04
N LEU J 8 32.10 15.32 3.88
CA LEU J 8 31.92 14.02 3.26
C LEU J 8 33.28 13.50 2.68
N LYS J 9 34.17 14.41 2.26
CA LYS J 9 35.51 13.96 1.83
C LYS J 9 36.23 13.34 3.04
N LEU J 10 35.90 13.82 4.23
CA LEU J 10 36.53 13.34 5.47
C LEU J 10 36.38 11.83 5.75
N ASN J 11 35.35 11.19 5.22
CA ASN J 11 35.21 9.75 5.49
C ASN J 11 35.36 8.89 4.24
N LEU J 12 36.26 9.33 3.36
CA LEU J 12 36.78 8.50 2.29
C LEU J 12 37.64 7.38 2.87
N ASP J 13 37.58 6.20 2.26
CA ASP J 13 38.20 4.95 2.79
C ASP J 13 37.65 4.50 4.15
N GLU J 14 36.61 5.17 4.62
CA GLU J 14 35.94 4.81 5.87
C GLU J 14 34.62 4.14 5.58
N ARG J 15 34.05 3.51 6.60
CA ARG J 15 32.75 2.87 6.46
C ARG J 15 31.63 3.90 6.64
N VAL J 16 30.65 3.82 5.75
CA VAL J 16 29.48 4.71 5.75
C VAL J 16 28.16 3.97 5.69
N TYR J 17 27.14 4.71 6.09
CA TYR J 17 25.76 4.27 6.15
C TYR J 17 24.94 5.27 5.31
N ILE J 18 24.27 4.78 4.27
CA ILE J 18 23.51 5.60 3.32
C ILE J 18 22.04 5.22 3.32
N LYS J 19 21.15 6.17 3.57
CA LYS J 19 19.72 5.90 3.42
C LYS J 19 19.31 6.26 2.00
N LEU J 20 18.44 5.47 1.37
CA LEU J 20 17.94 5.82 0.03
C LEU J 20 16.39 5.79 0.04
N ARG J 21 15.77 6.45 -0.94
CA ARG J 21 14.32 6.42 -1.08
C ARG J 21 13.83 5.01 -1.30
N GLY J 22 12.76 4.67 -0.59
CA GLY J 22 12.14 3.37 -0.68
C GLY J 22 12.66 2.40 0.34
N ALA J 23 12.86 2.89 1.55
CA ALA J 23 13.28 2.07 2.67
C ALA J 23 14.47 1.18 2.41
N ARG J 24 15.46 1.72 1.68
CA ARG J 24 16.70 1.02 1.31
C ARG J 24 17.84 1.59 2.13
N THR J 25 18.66 0.74 2.69
CA THR J 25 19.77 1.21 3.47
C THR J 25 21.08 0.52 3.06
N LEU J 26 22.14 1.28 2.89
CA LEU J 26 23.40 0.73 2.40
C LEU J 26 24.58 0.96 3.33
N VAL J 27 25.33 -0.10 3.61
CA VAL J 27 26.56 0.03 4.36
C VAL J 27 27.73 -0.42 3.49
N GLY J 28 28.70 0.47 3.31
CA GLY J 28 29.86 0.18 2.47
C GLY J 28 31.02 1.08 2.81
N THR J 29 32.21 0.71 2.36
CA THR J 29 33.35 1.60 2.48
C THR J 29 33.29 2.62 1.35
N LEU J 30 33.39 3.90 1.71
CA LEU J 30 33.28 4.98 0.74
C LEU J 30 34.53 5.09 -0.10
N GLN J 31 34.33 4.93 -1.40
CA GLN J 31 35.36 4.97 -2.41
C GLN J 31 35.33 6.30 -3.15
N ALA J 32 34.12 6.77 -3.45
CA ALA J 32 34.01 8.01 -4.23
C ALA J 32 32.61 8.58 -4.23
N PHE J 33 32.55 9.88 -4.49
CA PHE J 33 31.29 10.58 -4.57
C PHE J 33 31.51 11.95 -5.22
N ASP J 34 30.45 12.52 -5.77
CA ASP J 34 30.47 13.86 -6.30
C ASP J 34 29.42 14.79 -5.67
N SER J 35 29.13 15.91 -6.32
CA SER J 35 28.27 16.92 -5.72
C SER J 35 26.82 16.58 -5.93
N HIS J 36 26.61 15.45 -6.58
CA HIS J 36 25.26 14.97 -6.83
C HIS J 36 24.97 13.88 -5.80
N SER J 37 25.95 13.58 -4.94
CA SER J 37 25.93 12.41 -4.07
C SER J 37 25.96 11.11 -4.89
N ASN J 38 26.40 11.15 -6.15
CA ASN J 38 26.74 9.93 -6.86
C ASN J 38 27.83 9.24 -6.05
N ILE J 39 27.75 7.93 -5.89
CA ILE J 39 28.64 7.21 -4.97
C ILE J 39 29.19 5.90 -5.52
N VAL J 40 30.42 5.58 -5.10
CA VAL J 40 30.96 4.24 -5.22
C VAL J 40 31.32 3.73 -3.84
N LEU J 41 30.69 2.61 -3.43
CA LEU J 41 31.06 1.86 -2.21
C LEU J 41 31.68 0.52 -2.55
N SER J 42 32.54 0.02 -1.67
CA SER J 42 33.11 -1.31 -1.81
C SER J 42 32.64 -2.14 -0.64
N ASP J 43 32.52 -3.45 -0.80
CA ASP J 43 32.12 -4.32 0.30
C ASP J 43 30.83 -3.84 0.92
N ALA J 44 29.79 -3.75 0.12
CA ALA J 44 28.57 -3.16 0.61
C ALA J 44 27.51 -4.21 0.83
N VAL J 45 26.66 -3.94 1.82
CA VAL J 45 25.40 -4.66 1.97
C VAL J 45 24.19 -3.71 1.96
N GLU J 46 23.23 -4.01 1.09
CA GLU J 46 22.00 -3.26 1.03
C GLU J 46 21.03 -4.05 1.89
N THR J 47 20.19 -3.36 2.64
CA THR J 47 19.09 -4.01 3.31
C THR J 47 17.82 -3.26 2.93
N ILE J 48 16.80 -4.01 2.54
CA ILE J 48 15.53 -3.44 2.12
C ILE J 48 14.41 -3.84 3.04
N TYR J 49 13.54 -2.89 3.34
CA TYR J 49 12.35 -3.14 4.14
C TYR J 49 11.11 -3.16 3.25
N GLN J 50 10.42 -4.29 3.27
CA GLN J 50 9.25 -4.51 2.44
C GLN J 50 8.03 -4.86 3.25
N LEU J 51 6.89 -4.29 2.87
CA LEU J 51 5.66 -4.67 3.53
C LEU J 51 4.86 -5.52 2.54
N ASN J 52 4.76 -6.80 2.84
CA ASN J 52 3.96 -7.64 1.98
C ASN J 52 3.13 -8.60 2.79
N ASN J 53 1.89 -8.68 2.34
CA ASN J 53 0.84 -9.39 3.05
C ASN J 53 0.59 -8.79 4.44
N GLU J 54 0.62 -7.45 4.46
CA GLU J 54 0.43 -6.65 5.67
C GLU J 54 1.45 -6.97 6.77
N GLU J 55 2.61 -7.50 6.39
CA GLU J 55 3.60 -7.87 7.39
C GLU J 55 4.89 -7.27 6.91
N LEU J 56 5.84 -7.08 7.83
CA LEU J 56 7.13 -6.44 7.51
C LEU J 56 8.22 -7.48 7.35
N SER J 57 9.04 -7.32 6.32
CA SER J 57 10.22 -8.18 6.22
C SER J 57 11.46 -7.39 5.72
N GLU J 58 12.60 -7.99 5.94
CA GLU J 58 13.84 -7.35 5.64
C GLU J 58 14.61 -8.29 4.74
N SER J 59 15.21 -7.75 3.71
CA SER J 59 15.98 -8.55 2.81
C SER J 59 17.40 -7.96 2.58
N GLU J 60 18.31 -8.77 2.04
CA GLU J 60 19.69 -8.31 1.96
C GLU J 60 20.34 -8.54 0.59
N ARG J 61 21.41 -7.80 0.32
CA ARG J 61 22.11 -7.86 -0.97
C ARG J 61 23.55 -7.46 -0.74
N ARG J 62 24.46 -8.38 -0.96
CA ARG J 62 25.85 -8.07 -0.74
C ARG J 62 26.54 -7.85 -2.10
N SER J 63 27.47 -6.91 -2.17
CA SER J 63 28.06 -6.66 -3.46
C SER J 63 29.42 -5.98 -3.31
N GLU J 64 30.40 -6.45 -4.09
CA GLU J 64 31.79 -6.18 -3.75
C GLU J 64 32.18 -4.76 -4.10
N MET J 65 31.49 -4.18 -5.07
CA MET J 65 31.69 -2.78 -5.38
C MET J 65 30.50 -2.29 -6.18
N VAL J 66 29.96 -1.14 -5.80
CA VAL J 66 28.76 -0.69 -6.47
C VAL J 66 28.66 0.82 -6.62
N PHE J 67 28.11 1.23 -7.75
CA PHE J 67 27.82 2.63 -7.96
C PHE J 67 26.35 2.89 -7.69
N ILE J 68 26.15 4.03 -7.03
CA ILE J 68 24.87 4.50 -6.59
C ILE J 68 24.58 5.86 -7.18
N ARG J 69 23.56 5.93 -8.00
CA ARG J 69 23.11 7.16 -8.59
C ARG J 69 22.67 8.08 -7.43
N GLY J 70 23.16 9.31 -7.41
CA GLY J 70 22.91 10.27 -6.34
C GLY J 70 21.47 10.71 -6.03
N ASP J 71 20.59 10.74 -7.03
CA ASP J 71 19.30 11.39 -6.88
C ASP J 71 18.34 10.67 -5.93
N THR J 72 18.76 9.51 -5.44
CA THR J 72 17.96 8.71 -4.54
C THR J 72 18.52 8.67 -3.12
N VAL J 73 19.54 9.46 -2.84
CA VAL J 73 20.21 9.38 -1.54
C VAL J 73 19.76 10.46 -0.56
N THR J 74 18.98 10.05 0.43
CA THR J 74 18.53 10.94 1.51
C THR J 74 19.59 11.44 2.49
N LEU J 75 20.48 10.54 2.92
CA LEU J 75 21.37 10.84 4.04
C LEU J 75 22.65 10.00 4.03
N ILE J 76 23.68 10.46 4.75
CA ILE J 76 24.94 9.75 4.79
C ILE J 76 25.55 9.98 6.16
N SER J 77 26.05 8.91 6.78
CA SER J 77 26.76 9.05 8.04
C SER J 77 27.57 7.78 8.22
N THR J 78 27.89 7.43 9.46
CA THR J 78 28.72 6.27 9.70
C THR J 78 28.03 5.36 10.68
N PRO J 79 28.15 4.04 10.50
CA PRO J 79 27.50 3.06 11.39
C PRO J 79 28.02 3.15 12.83
N VAL K 11 18.88 37.45 1.86
CA VAL K 11 18.03 37.25 3.04
C VAL K 11 18.05 35.79 3.49
N THR K 12 17.69 34.89 2.57
CA THR K 12 17.82 33.46 2.81
C THR K 12 19.32 33.15 2.98
N THR K 13 20.12 33.93 2.24
CA THR K 13 21.57 33.82 2.28
C THR K 13 22.15 34.15 3.66
N GLU K 14 21.64 35.19 4.32
CA GLU K 14 22.23 35.58 5.60
C GLU K 14 21.68 34.69 6.71
N PHE K 15 20.44 34.23 6.52
CA PHE K 15 19.79 33.29 7.43
C PHE K 15 20.64 32.02 7.50
N LEU K 16 21.18 31.60 6.36
CA LEU K 16 21.94 30.35 6.33
C LEU K 16 23.28 30.47 7.09
N SER K 17 23.67 31.70 7.41
CA SER K 17 24.84 31.96 8.24
C SER K 17 24.46 32.29 9.68
N ASP K 18 23.21 32.66 9.92
CA ASP K 18 22.84 33.09 11.25
C ASP K 18 22.59 31.90 12.14
N ILE K 19 22.34 30.73 11.55
CA ILE K 19 21.97 29.57 12.37
C ILE K 19 23.00 28.45 12.44
N ILE K 20 24.21 28.70 11.93
CA ILE K 20 25.30 27.75 12.09
C ILE K 20 25.65 27.65 13.57
N GLY K 21 25.71 26.44 14.12
CA GLY K 21 26.00 26.29 15.54
C GLY K 21 24.74 26.10 16.35
N LYS K 22 23.62 26.54 15.77
CA LYS K 22 22.35 26.41 16.46
C LYS K 22 21.79 25.01 16.28
N THR K 23 20.82 24.69 17.12
CA THR K 23 20.10 23.44 17.08
C THR K 23 18.92 23.59 16.14
N VAL K 24 18.90 22.80 15.06
CA VAL K 24 17.80 22.87 14.12
C VAL K 24 16.97 21.56 14.00
N ASN K 25 15.85 21.70 13.30
CA ASN K 25 15.03 20.63 12.81
C ASN K 25 15.04 20.74 11.33
N VAL K 26 15.47 19.66 10.66
CA VAL K 26 15.43 19.58 9.23
C VAL K 26 14.49 18.46 8.78
N LYS K 27 13.44 18.85 8.06
CA LYS K 27 12.45 17.89 7.57
C LYS K 27 12.69 17.60 6.12
N LEU K 28 12.86 16.31 5.77
CA LEU K 28 12.89 15.90 4.37
C LEU K 28 11.49 15.69 3.72
N ALA K 29 11.45 15.69 2.39
CA ALA K 29 10.25 15.27 1.62
C ALA K 29 9.40 14.16 2.25
N SER K 30 10.07 13.12 2.75
CA SER K 30 9.33 11.96 3.23
C SER K 30 8.67 12.21 4.58
N GLY K 31 8.86 13.37 5.18
CA GLY K 31 8.27 13.62 6.47
C GLY K 31 9.21 13.30 7.62
N LEU K 32 10.23 12.47 7.36
CA LEU K 32 11.28 12.21 8.36
C LEU K 32 11.97 13.53 8.76
N LEU K 33 12.26 13.72 10.05
CA LEU K 33 12.81 15.00 10.48
C LEU K 33 13.99 14.66 11.37
N TYR K 34 15.11 15.36 11.12
CA TYR K 34 16.32 15.15 11.90
C TYR K 34 16.51 16.33 12.77
N SER K 35 17.04 16.09 13.95
CA SER K 35 17.20 17.16 14.91
C SER K 35 18.62 17.16 15.45
N GLY K 36 19.22 18.33 15.47
CA GLY K 36 20.58 18.43 16.00
C GLY K 36 21.27 19.76 15.78
N ARG K 37 22.59 19.77 15.89
CA ARG K 37 23.33 21.03 15.73
C ARG K 37 23.80 21.22 14.31
N LEU K 38 23.47 22.38 13.75
CA LEU K 38 23.86 22.67 12.39
C LEU K 38 25.36 22.94 12.34
N GLU K 39 26.07 22.10 11.61
CA GLU K 39 27.49 22.20 11.45
C GLU K 39 27.86 22.97 10.20
N SER K 40 27.12 22.77 9.10
CA SER K 40 27.38 23.53 7.88
C SER K 40 26.26 23.37 6.88
N ILE K 41 26.19 24.28 5.92
CA ILE K 41 25.11 24.24 4.93
C ILE K 41 25.45 24.93 3.62
N ASP K 42 25.23 24.31 2.46
CA ASP K 42 25.57 25.00 1.20
C ASP K 42 24.36 25.66 0.55
N GLY K 43 24.53 26.10 -0.70
CA GLY K 43 23.47 26.78 -1.42
C GLY K 43 22.56 25.77 -2.09
N PHE K 44 23.00 24.52 -2.09
CA PHE K 44 22.24 23.42 -2.68
C PHE K 44 21.28 22.83 -1.63
N MET K 45 21.26 23.44 -0.44
CA MET K 45 20.40 23.05 0.67
C MET K 45 20.99 21.87 1.47
N ASN K 46 22.17 21.40 1.07
CA ASN K 46 22.83 20.32 1.79
C ASN K 46 23.19 20.75 3.20
N VAL K 47 22.96 19.86 4.15
CA VAL K 47 23.15 20.17 5.55
C VAL K 47 24.09 19.17 6.22
N ALA K 48 24.89 19.61 7.18
CA ALA K 48 25.63 18.67 8.02
C ALA K 48 25.14 18.91 9.47
N LEU K 49 24.75 17.81 10.14
CA LEU K 49 24.30 17.88 11.52
C LEU K 49 25.13 17.05 12.47
N SER K 50 25.28 17.61 13.67
CA SER K 50 25.94 16.96 14.77
C SER K 50 24.98 16.43 15.82
N SER K 51 25.22 15.22 16.28
CA SER K 51 24.38 14.62 17.31
C SER K 51 22.95 14.52 16.86
N ALA K 52 22.79 14.03 15.65
CA ALA K 52 21.47 14.03 15.09
C ALA K 52 20.53 12.92 15.70
N THR K 53 19.24 13.22 15.91
CA THR K 53 18.23 12.19 16.20
C THR K 53 17.24 12.16 15.03
N GLU K 54 16.68 10.98 14.72
CA GLU K 54 15.72 10.86 13.64
C GLU K 54 14.32 10.58 14.17
N HIS K 55 13.35 11.32 13.66
CA HIS K 55 11.95 11.15 14.07
C HIS K 55 11.06 11.20 12.85
N TYR K 56 9.86 10.65 12.97
CA TYR K 56 8.90 10.77 11.86
C TYR K 56 7.95 11.87 12.28
N GLU K 57 7.91 12.94 11.47
CA GLU K 57 7.00 14.08 11.72
C GLU K 57 7.36 15.02 12.89
N SER K 58 7.48 14.46 14.09
CA SER K 58 7.68 15.29 15.25
C SER K 58 8.74 14.73 16.20
N ASN K 59 9.37 15.60 17.00
CA ASN K 59 10.35 15.20 18.01
C ASN K 59 9.71 14.43 19.13
N ASN K 60 8.49 14.83 19.48
CA ASN K 60 7.74 14.19 20.55
C ASN K 60 7.30 12.79 20.17
N ASN K 61 7.50 12.43 18.90
CA ASN K 61 7.22 11.08 18.44
C ASN K 61 8.37 10.15 18.78
N LYS K 62 8.25 8.86 18.42
CA LYS K 62 9.30 7.92 18.76
C LYS K 62 10.61 8.17 18.02
N LEU K 63 11.69 8.30 18.79
CA LEU K 63 13.04 8.25 18.26
C LEU K 63 13.28 6.98 17.48
N LEU K 64 13.68 7.14 16.22
CA LEU K 64 13.96 6.02 15.34
C LEU K 64 15.47 5.82 15.20
N ASN K 65 16.21 6.83 15.58
CA ASN K 65 17.66 6.80 15.43
C ASN K 65 18.44 7.87 16.15
N LYS K 66 19.46 7.41 16.87
CA LYS K 66 20.52 8.30 17.38
C LYS K 66 21.75 8.03 16.52
N PHE K 67 22.30 9.09 15.95
CA PHE K 67 23.52 8.96 15.17
C PHE K 67 24.73 9.36 16.00
N ASN K 68 25.67 8.44 16.23
CA ASN K 68 26.84 8.79 17.03
C ASN K 68 27.65 9.91 16.36
N SER K 69 27.91 9.79 15.06
CA SER K 69 28.73 10.76 14.33
C SER K 69 27.90 11.72 13.49
N ASP K 70 28.57 12.44 12.61
CA ASP K 70 27.96 13.47 11.78
C ASP K 70 27.02 12.92 10.70
N VAL K 71 26.00 13.71 10.42
CA VAL K 71 25.00 13.36 9.43
C VAL K 71 24.93 14.35 8.26
N PHE K 72 25.15 13.84 7.06
CA PHE K 72 25.03 14.65 5.86
C PHE K 72 23.62 14.45 5.33
N LEU K 73 22.97 15.54 4.94
CA LEU K 73 21.57 15.55 4.56
C LEU K 73 21.39 16.11 3.17
N ARG K 74 21.07 15.30 2.15
CA ARG K 74 21.05 15.84 0.79
C ARG K 74 19.97 16.89 0.59
N GLY K 75 20.31 18.01 -0.05
CA GLY K 75 19.43 19.14 0.02
C GLY K 75 18.37 19.23 -1.07
N THR K 76 18.30 18.23 -1.95
CA THR K 76 17.22 18.19 -2.91
C THR K 76 16.08 17.53 -2.14
N GLN K 77 16.42 16.89 -1.03
CA GLN K 77 15.44 16.16 -0.23
C GLN K 77 14.83 17.09 0.81
N VAL K 78 15.53 18.20 1.09
CA VAL K 78 15.17 19.03 2.22
C VAL K 78 13.94 19.90 2.04
N MET K 79 13.06 19.84 3.04
CA MET K 79 11.84 20.61 3.02
C MET K 79 11.90 21.84 3.89
N TYR K 80 12.38 21.69 5.12
CA TYR K 80 12.76 22.90 5.81
C TYR K 80 13.97 22.76 6.74
N ILE K 81 14.46 23.93 7.12
CA ILE K 81 15.42 24.10 8.19
C ILE K 81 14.89 25.12 9.18
N SER K 82 14.52 24.61 10.35
CA SER K 82 13.81 25.38 11.34
C SER K 82 14.58 25.35 12.64
N GLU K 83 14.72 26.48 13.30
CA GLU K 83 15.49 26.50 14.51
C GLU K 83 14.55 26.26 15.68
N GLN K 84 15.08 25.82 16.81
CA GLN K 84 14.23 25.63 17.99
C GLN K 84 14.79 26.39 19.17
N PRO L 4 0.93 49.00 -15.02
CA PRO L 4 -0.22 48.83 -14.14
C PRO L 4 -0.29 47.44 -13.52
N GLU L 5 0.02 46.41 -14.29
CA GLU L 5 -0.14 45.02 -13.83
C GLU L 5 0.77 44.70 -12.65
N ILE L 6 0.22 43.98 -11.68
CA ILE L 6 0.96 43.55 -10.49
C ILE L 6 1.96 42.43 -10.77
N LEU L 7 3.11 42.50 -10.12
CA LEU L 7 4.11 41.45 -10.17
C LEU L 7 3.98 40.59 -8.92
N PRO L 8 3.82 39.28 -9.09
CA PRO L 8 3.75 38.34 -7.96
C PRO L 8 4.76 38.67 -6.87
N LEU L 9 6.02 38.87 -7.24
CA LEU L 9 7.06 39.16 -6.27
C LEU L 9 6.77 40.46 -5.47
N GLU L 10 6.13 41.43 -6.14
CA GLU L 10 5.69 42.66 -5.51
C GLU L 10 4.66 42.35 -4.42
N VAL L 11 3.64 41.57 -4.79
CA VAL L 11 2.69 41.03 -3.82
C VAL L 11 3.42 40.39 -2.63
N ILE L 12 4.33 39.47 -2.91
CA ILE L 12 5.01 38.73 -1.85
C ILE L 12 5.80 39.71 -1.01
N ASP L 13 6.34 40.76 -1.63
CA ASP L 13 7.17 41.71 -0.92
C ASP L 13 6.37 42.54 0.06
N LYS L 14 5.14 42.94 -0.31
CA LYS L 14 4.34 43.68 0.64
C LYS L 14 4.08 42.80 1.88
N THR L 15 3.74 41.53 1.67
CA THR L 15 3.33 40.69 2.78
C THR L 15 4.45 40.35 3.78
N ILE L 16 5.65 40.88 3.58
CA ILE L 16 6.66 40.79 4.63
C ILE L 16 6.08 41.35 5.98
N ASN L 17 6.54 40.83 7.11
CA ASN L 17 5.95 41.18 8.42
C ASN L 17 4.46 40.94 8.60
N GLN L 18 3.82 40.30 7.64
CA GLN L 18 2.43 39.90 7.85
C GLN L 18 2.36 38.41 8.12
N LYS L 19 1.12 37.96 8.32
CA LYS L 19 0.82 36.56 8.46
C LYS L 19 0.61 36.00 7.05
N VAL L 20 1.42 35.01 6.70
CA VAL L 20 1.24 34.24 5.46
C VAL L 20 0.92 32.74 5.64
N LEU L 21 -0.01 32.25 4.82
CA LEU L 21 -0.19 30.83 4.63
C LEU L 21 0.68 30.37 3.46
N ILE L 22 1.32 29.22 3.62
CA ILE L 22 2.05 28.61 2.53
C ILE L 22 1.57 27.19 2.34
N VAL L 23 1.15 26.88 1.12
CA VAL L 23 0.60 25.57 0.83
C VAL L 23 1.58 24.81 -0.02
N LEU L 24 2.04 23.68 0.50
CA LEU L 24 2.87 22.76 -0.24
C LEU L 24 2.02 22.01 -1.24
N GLN L 25 2.66 21.43 -2.25
CA GLN L 25 1.97 20.68 -3.29
C GLN L 25 1.31 19.45 -2.68
N SER L 26 1.72 19.11 -1.47
CA SER L 26 1.14 17.99 -0.75
C SER L 26 0.02 18.48 0.16
N ASN L 27 -0.32 17.68 1.16
CA ASN L 27 -1.35 18.04 2.11
C ASN L 27 -0.78 18.85 3.27
N ARG L 28 0.37 19.50 3.02
CA ARG L 28 1.05 20.27 4.05
C ARG L 28 0.84 21.77 3.88
N GLU L 29 0.76 22.48 5.00
CA GLU L 29 0.59 23.92 4.99
C GLU L 29 1.41 24.55 6.10
N PHE L 30 1.81 25.80 5.90
CA PHE L 30 2.55 26.52 6.92
C PHE L 30 2.00 27.92 7.17
N GLU L 31 1.40 28.18 8.32
CA GLU L 31 1.02 29.57 8.61
C GLU L 31 2.00 30.23 9.57
N GLY L 32 2.40 31.47 9.30
CA GLY L 32 3.40 32.13 10.13
C GLY L 32 3.81 33.49 9.62
N THR L 33 4.68 34.21 10.34
CA THR L 33 5.04 35.55 9.86
C THR L 33 6.05 35.44 8.72
N LEU L 34 5.79 36.14 7.63
CA LEU L 34 6.79 36.20 6.58
C LEU L 34 7.92 37.12 7.00
N VAL L 35 9.13 36.58 6.99
CA VAL L 35 10.32 37.35 7.32
C VAL L 35 11.05 37.83 6.08
N GLY L 36 11.49 36.90 5.26
CA GLY L 36 12.02 37.27 3.96
C GLY L 36 11.88 36.14 2.98
N PHE L 37 12.10 36.45 1.72
CA PHE L 37 12.01 35.45 0.68
C PHE L 37 13.06 35.79 -0.32
N ASP L 38 13.55 34.80 -1.06
CA ASP L 38 14.50 35.10 -2.10
C ASP L 38 13.97 35.00 -3.54
N ASP L 39 14.87 34.82 -4.50
CA ASP L 39 14.47 34.80 -5.89
C ASP L 39 13.85 33.44 -6.24
N PHE L 40 14.33 32.39 -5.58
CA PHE L 40 13.81 31.05 -5.81
C PHE L 40 12.54 30.84 -4.99
N VAL L 41 12.20 31.83 -4.18
CA VAL L 41 11.04 31.77 -3.31
C VAL L 41 11.33 31.02 -2.03
N ASN L 42 12.61 30.72 -1.79
CA ASN L 42 13.02 30.19 -0.50
C ASN L 42 12.57 31.22 0.54
N VAL L 43 11.79 30.77 1.51
CA VAL L 43 10.97 31.68 2.24
C VAL L 43 11.42 31.50 3.67
N ILE L 44 11.35 32.58 4.44
CA ILE L 44 11.65 32.48 5.87
C ILE L 44 10.38 32.78 6.60
N LEU L 45 10.14 32.01 7.66
CA LEU L 45 8.86 32.03 8.30
C LEU L 45 9.13 32.03 9.78
N GLU L 46 8.46 32.91 10.51
CA GLU L 46 8.70 33.00 11.93
C GLU L 46 7.53 32.39 12.71
N ASP L 47 7.86 31.64 13.76
CA ASP L 47 6.86 30.95 14.59
C ASP L 47 5.80 30.26 13.73
N ALA L 48 6.25 29.42 12.81
CA ALA L 48 5.33 28.76 11.88
C ALA L 48 4.53 27.65 12.52
N VAL L 49 3.27 27.53 12.14
CA VAL L 49 2.48 26.38 12.52
C VAL L 49 2.40 25.50 11.28
N GLU L 50 2.69 24.21 11.47
CA GLU L 50 2.71 23.25 10.37
C GLU L 50 1.52 22.32 10.41
N TRP L 51 0.79 22.29 9.28
CA TRP L 51 -0.41 21.45 9.18
C TRP L 51 -0.32 20.32 8.14
N LEU L 52 -1.05 19.25 8.43
CA LEU L 52 -1.37 18.19 7.45
C LEU L 52 -2.87 18.22 7.21
N ILE L 53 -3.27 18.13 5.94
CA ILE L 53 -4.64 18.42 5.50
C ILE L 53 -5.45 17.16 5.15
N ASP L 54 -6.75 17.20 5.40
CA ASP L 54 -7.65 16.10 5.07
C ASP L 54 -8.31 16.32 3.73
N ASN L 61 -8.18 17.98 10.07
CA ASN L 61 -6.79 18.36 9.85
C ASN L 61 -5.85 17.74 10.87
N GLU L 62 -4.62 18.26 10.96
CA GLU L 62 -3.66 17.81 11.99
C GLU L 62 -2.51 18.81 12.20
N LYS L 63 -2.37 19.34 13.40
CA LYS L 63 -1.31 20.31 13.66
C LYS L 63 -0.11 19.58 14.17
N VAL L 64 0.86 19.49 13.25
CA VAL L 64 2.03 18.66 13.38
C VAL L 64 3.01 19.29 14.33
N MET L 65 3.16 20.61 14.26
CA MET L 65 4.17 21.22 15.09
C MET L 65 4.04 22.72 15.23
N GLN L 66 4.38 23.23 16.41
CA GLN L 66 4.54 24.66 16.60
C GLN L 66 6.01 24.95 16.62
N HIS L 67 6.47 25.55 15.54
CA HIS L 67 7.84 26.01 15.44
C HIS L 67 8.03 27.35 16.21
N HIS L 68 9.25 27.56 16.71
CA HIS L 68 9.55 28.71 17.54
C HIS L 68 10.88 29.27 17.07
N GLY L 69 10.83 30.33 16.29
CA GLY L 69 12.05 30.92 15.78
C GLY L 69 11.95 31.18 14.29
N ARG L 70 12.99 30.83 13.57
CA ARG L 70 12.93 30.95 12.12
C ARG L 70 13.02 29.66 11.34
N MET L 71 12.25 29.63 10.27
CA MET L 71 12.21 28.53 9.33
C MET L 71 12.67 28.97 7.97
N LEU L 72 13.54 28.17 7.39
CA LEU L 72 13.85 28.29 5.97
C LEU L 72 13.07 27.19 5.26
N LEU L 73 11.91 27.56 4.74
CA LEU L 73 11.08 26.71 3.90
C LEU L 73 11.53 26.75 2.44
N SER L 74 11.92 25.58 1.93
CA SER L 74 12.36 25.44 0.55
C SER L 74 11.25 25.81 -0.43
N GLY L 75 11.56 26.70 -1.35
CA GLY L 75 10.56 27.18 -2.29
C GLY L 75 10.22 26.14 -3.35
N ASN L 76 10.99 25.06 -3.34
CA ASN L 76 10.88 23.98 -4.30
C ASN L 76 9.47 23.41 -4.35
N ASN L 77 8.96 23.04 -3.18
CA ASN L 77 7.64 22.42 -3.09
C ASN L 77 6.47 23.39 -2.87
N ILE L 78 6.74 24.69 -2.94
CA ILE L 78 5.69 25.68 -2.75
C ILE L 78 4.71 25.84 -3.92
N ALA L 79 3.43 25.59 -3.63
CA ALA L 79 2.36 25.76 -4.60
C ALA L 79 1.71 27.13 -4.53
N ILE L 80 1.15 27.48 -3.36
CA ILE L 80 0.32 28.68 -3.19
C ILE L 80 0.72 29.52 -1.98
N LEU L 81 0.90 30.82 -2.19
CA LEU L 81 1.12 31.77 -1.11
C LEU L 81 -0.18 32.52 -0.86
N VAL L 82 -0.62 32.53 0.39
CA VAL L 82 -1.78 33.30 0.80
C VAL L 82 -1.32 34.30 1.85
N PRO L 83 -1.73 35.55 1.70
CA PRO L 83 -1.35 36.61 2.64
C PRO L 83 -2.39 36.78 3.74
N GLY L 84 -2.06 36.35 4.95
CA GLY L 84 -2.95 36.47 6.08
C GLY L 84 -4.10 35.47 6.01
N GLY L 85 -3.81 34.28 5.52
CA GLY L 85 -4.80 33.23 5.39
C GLY L 85 -4.91 32.38 6.64
N ILE M 27 4.87 32.43 -25.27
CA ILE M 27 3.93 31.90 -26.25
C ILE M 27 2.49 32.14 -25.82
N LEU M 28 2.32 32.63 -24.59
CA LEU M 28 1.01 32.92 -24.06
C LEU M 28 0.94 34.35 -23.53
N ASP M 29 0.08 35.16 -24.15
CA ASP M 29 -0.08 36.55 -23.75
C ASP M 29 -1.13 36.67 -22.64
N LEU M 30 -0.72 36.37 -21.42
CA LEU M 30 -1.63 36.41 -20.28
C LEU M 30 -2.35 37.75 -20.18
N ALA M 31 -1.71 38.81 -20.69
CA ALA M 31 -2.29 40.14 -20.63
C ALA M 31 -3.75 40.14 -21.12
N LYS M 32 -4.10 39.15 -21.94
CA LYS M 32 -5.44 39.11 -22.48
C LYS M 32 -6.39 38.46 -21.49
N TYR M 33 -5.88 38.20 -20.28
CA TYR M 33 -6.69 37.58 -19.24
C TYR M 33 -6.91 38.53 -18.06
N LYS M 34 -6.44 39.77 -18.20
CA LYS M 34 -6.59 40.77 -17.16
C LYS M 34 -8.01 40.77 -16.59
N ASP M 35 -8.11 40.69 -15.27
CA ASP M 35 -9.41 40.66 -14.61
C ASP M 35 -10.34 39.64 -15.26
N SER M 36 -9.77 38.47 -15.59
CA SER M 36 -10.54 37.42 -16.23
C SER M 36 -10.60 36.18 -15.34
N LYS M 37 -11.24 35.13 -15.85
CA LYS M 37 -11.37 33.87 -15.11
C LYS M 37 -10.57 32.77 -15.77
N ILE M 38 -9.91 31.94 -14.96
CA ILE M 38 -9.09 30.86 -15.49
C ILE M 38 -9.02 29.67 -14.53
N ARG M 39 -9.16 28.47 -15.09
CA ARG M 39 -9.06 27.24 -14.32
C ARG M 39 -7.63 26.73 -14.40
N VAL M 40 -6.87 26.91 -13.32
CA VAL M 40 -5.46 26.55 -13.32
C VAL M 40 -5.24 25.21 -12.65
N LYS M 41 -4.73 24.25 -13.42
CA LYS M 41 -4.41 22.93 -12.90
C LYS M 41 -2.98 22.96 -12.37
N LEU M 42 -2.82 22.55 -11.10
CA LEU M 42 -1.50 22.44 -10.49
C LEU M 42 -1.03 20.98 -10.33
N MET M 43 0.25 20.80 -10.05
CA MET M 43 0.81 19.45 -9.96
C MET M 43 0.72 18.86 -8.57
N GLY M 44 -0.18 17.91 -8.40
CA GLY M 44 -0.39 17.26 -7.13
C GLY M 44 -1.90 17.18 -6.99
N GLY M 45 -2.56 17.45 -8.12
CA GLY M 45 -4.01 17.40 -8.21
C GLY M 45 -4.61 18.47 -7.35
N LYS M 46 -4.54 19.69 -7.83
CA LYS M 46 -5.08 20.83 -7.12
C LYS M 46 -5.58 21.77 -8.19
N LEU M 47 -6.89 21.98 -8.24
CA LEU M 47 -7.46 22.89 -9.23
C LEU M 47 -7.71 24.24 -8.59
N VAL M 48 -7.44 25.32 -9.32
CA VAL M 48 -7.64 26.65 -8.73
C VAL M 48 -8.31 27.61 -9.70
N ILE M 49 -9.46 28.13 -9.31
CA ILE M 49 -10.15 29.09 -10.16
C ILE M 49 -10.04 30.49 -9.56
N GLY M 50 -9.44 31.40 -10.32
CA GLY M 50 -9.22 32.74 -9.79
C GLY M 50 -9.42 33.89 -10.76
N VAL M 51 -9.16 35.11 -10.28
CA VAL M 51 -9.24 36.30 -11.12
C VAL M 51 -7.84 36.83 -11.39
N LEU M 52 -7.38 36.66 -12.63
CA LEU M 52 -5.98 36.86 -12.94
C LEU M 52 -5.65 38.30 -12.74
N LYS M 53 -5.27 38.64 -11.50
CA LYS M 53 -4.83 39.99 -11.17
C LYS M 53 -3.48 40.39 -11.76
N GLY M 54 -2.50 39.48 -11.68
CA GLY M 54 -1.15 39.74 -12.13
C GLY M 54 -0.37 38.52 -12.56
N TYR M 55 0.68 38.73 -13.36
CA TYR M 55 1.52 37.63 -13.85
C TYR M 55 2.99 38.02 -14.00
N ASP M 56 3.87 37.01 -14.00
CA ASP M 56 5.30 37.23 -14.23
C ASP M 56 5.86 36.19 -15.20
N GLN M 57 6.98 36.51 -15.85
CA GLN M 57 7.52 35.65 -16.91
C GLN M 57 7.60 34.20 -16.48
N LEU M 58 8.12 33.96 -15.28
CA LEU M 58 8.26 32.61 -14.76
C LEU M 58 6.89 31.93 -14.69
N MET M 59 5.86 32.67 -15.05
CA MET M 59 4.50 32.13 -15.07
C MET M 59 3.86 32.10 -13.68
N ASN M 60 4.34 32.97 -12.79
CA ASN M 60 3.75 33.10 -11.46
C ASN M 60 2.49 33.94 -11.54
N LEU M 61 1.39 33.45 -10.94
CA LEU M 61 0.14 34.17 -11.01
C LEU M 61 -0.12 34.97 -9.74
N VAL M 62 -1.04 35.92 -9.83
CA VAL M 62 -1.66 36.51 -8.66
C VAL M 62 -3.16 36.40 -8.91
N LEU M 63 -3.85 35.60 -8.11
CA LEU M 63 -5.27 35.34 -8.36
C LEU M 63 -6.09 35.93 -7.27
N ASP M 64 -7.36 36.20 -7.59
CA ASP M 64 -8.25 36.88 -6.66
C ASP M 64 -9.52 36.10 -6.50
N ASP M 65 -10.14 36.19 -5.32
CA ASP M 65 -11.30 35.37 -4.99
C ASP M 65 -10.96 33.91 -5.27
N THR M 66 -9.70 33.57 -5.06
CA THR M 66 -9.22 32.22 -5.30
C THR M 66 -10.12 31.18 -4.64
N VAL M 67 -10.31 30.05 -5.31
CA VAL M 67 -11.01 28.94 -4.69
C VAL M 67 -10.16 27.70 -4.83
N GLU M 68 -9.80 27.09 -3.71
CA GLU M 68 -9.02 25.85 -3.73
C GLU M 68 -9.91 24.65 -4.00
N TYR M 69 -9.67 23.97 -5.14
CA TYR M 69 -10.48 22.82 -5.50
C TYR M 69 -9.63 21.55 -5.52
N MET M 70 -10.12 20.50 -4.88
CA MET M 70 -9.40 19.24 -4.82
C MET M 70 -10.23 18.10 -5.40
N ASN M 85 -14.61 19.32 -2.10
CA ASN M 85 -13.22 19.74 -2.24
C ASN M 85 -13.10 21.26 -2.33
N ALA M 86 -14.22 21.94 -2.14
CA ALA M 86 -14.21 23.39 -2.24
C ALA M 86 -13.45 23.98 -1.06
N ARG M 87 -12.51 24.87 -1.36
CA ARG M 87 -11.76 25.59 -0.33
C ARG M 87 -11.52 27.02 -0.80
N LYS M 88 -11.82 28.00 0.05
CA LYS M 88 -11.73 29.38 -0.37
C LYS M 88 -10.53 30.07 0.25
N LEU M 89 -9.65 30.60 -0.60
CA LEU M 89 -8.60 31.47 -0.13
C LEU M 89 -8.93 32.83 -0.71
N GLY M 90 -8.18 33.87 -0.39
CA GLY M 90 -8.51 35.19 -0.90
C GLY M 90 -7.81 35.58 -2.20
N LEU M 91 -6.87 36.52 -2.03
CA LEU M 91 -5.97 36.93 -3.10
C LEU M 91 -4.67 36.19 -2.90
N THR M 92 -4.41 35.21 -3.75
CA THR M 92 -3.26 34.33 -3.58
C THR M 92 -2.18 34.50 -4.65
N VAL M 93 -1.00 33.97 -4.35
CA VAL M 93 0.06 33.87 -5.33
C VAL M 93 0.35 32.40 -5.66
N ILE M 94 0.43 32.08 -6.94
CA ILE M 94 0.61 30.70 -7.35
C ILE M 94 1.95 30.47 -8.00
N ARG M 95 2.79 29.68 -7.36
CA ARG M 95 4.13 29.43 -7.89
C ARG M 95 4.01 28.84 -9.29
N GLY M 96 4.67 29.45 -10.26
CA GLY M 96 4.47 29.01 -11.63
C GLY M 96 5.46 27.96 -12.08
N THR M 97 5.96 27.17 -11.12
CA THR M 97 6.89 26.11 -11.41
C THR M 97 6.19 24.78 -11.20
N ILE M 98 4.98 24.86 -10.66
CA ILE M 98 4.16 23.70 -10.38
C ILE M 98 2.88 23.83 -11.22
N LEU M 99 2.83 24.87 -12.07
CA LEU M 99 1.66 25.13 -12.90
C LEU M 99 1.60 24.11 -14.01
N VAL M 100 0.50 23.38 -14.08
CA VAL M 100 0.39 22.28 -15.00
C VAL M 100 -0.44 22.64 -16.25
N SER M 101 -1.62 23.22 -16.05
CA SER M 101 -2.33 23.79 -17.18
C SER M 101 -3.03 25.09 -16.84
N LEU M 102 -3.46 25.80 -17.86
CA LEU M 102 -4.06 27.10 -17.70
C LEU M 102 -5.11 27.36 -18.78
N SER M 103 -6.38 27.29 -18.42
CA SER M 103 -7.44 27.61 -19.35
C SER M 103 -8.26 28.80 -18.82
N SER M 104 -9.37 29.11 -19.48
CA SER M 104 -10.19 30.22 -19.04
C SER M 104 -11.50 29.82 -18.36
N ALA M 105 -12.14 30.81 -17.75
CA ALA M 105 -13.40 30.62 -17.06
C ALA M 105 -14.42 31.72 -17.44
N MET N 1 14.44 13.39 -37.49
CA MET N 1 14.14 14.78 -37.19
C MET N 1 13.77 14.97 -35.72
N LEU N 2 14.32 16.00 -35.10
CA LEU N 2 14.06 16.29 -33.69
C LEU N 2 12.56 16.45 -33.46
N PRO N 3 12.03 15.66 -32.52
CA PRO N 3 10.61 15.74 -32.18
C PRO N 3 10.14 17.17 -31.96
N LEU N 4 11.03 18.01 -31.43
CA LEU N 4 10.73 19.41 -31.20
C LEU N 4 10.44 20.13 -32.51
N TYR N 5 11.45 20.16 -33.39
CA TYR N 5 11.31 20.83 -34.68
C TYR N 5 10.05 20.28 -35.33
N LEU N 6 9.83 18.99 -35.13
CA LEU N 6 8.67 18.30 -35.68
C LEU N 6 7.43 18.68 -34.91
N LEU N 7 7.59 19.56 -33.93
CA LEU N 7 6.47 20.13 -33.22
C LEU N 7 6.24 21.55 -33.69
N THR N 8 7.32 22.29 -33.94
CA THR N 8 7.22 23.66 -34.43
C THR N 8 6.63 23.73 -35.85
N ASN N 9 6.94 22.70 -36.65
CA ASN N 9 6.37 22.57 -38.00
C ASN N 9 5.09 21.75 -37.94
N ALA N 10 4.42 21.80 -36.81
CA ALA N 10 3.16 21.08 -36.62
C ALA N 10 2.03 22.07 -36.32
N LYS N 11 2.44 23.31 -36.09
CA LYS N 11 1.53 24.42 -35.80
C LYS N 11 0.39 24.57 -36.80
N GLY N 12 -0.81 24.15 -36.42
CA GLY N 12 -1.97 24.23 -37.30
C GLY N 12 -2.67 22.89 -37.45
N GLN N 13 -1.92 21.80 -37.27
CA GLN N 13 -2.47 20.45 -37.31
C GLN N 13 -3.24 20.14 -36.02
N GLN N 14 -3.82 18.95 -35.93
CA GLN N 14 -4.60 18.59 -34.74
C GLN N 14 -4.00 17.42 -33.95
N MET N 15 -3.89 17.56 -32.63
CA MET N 15 -3.19 16.53 -31.86
C MET N 15 -3.83 16.14 -30.53
N GLN N 16 -3.36 15.03 -29.95
CA GLN N 16 -3.83 14.61 -28.63
C GLN N 16 -2.67 14.45 -27.65
N ILE N 17 -2.81 15.03 -26.47
CA ILE N 17 -1.76 14.98 -25.47
C ILE N 17 -2.17 14.14 -24.28
N GLU N 18 -1.24 13.37 -23.74
CA GLU N 18 -1.50 12.70 -22.47
C GLU N 18 -0.67 13.37 -21.38
N LEU N 19 -1.36 13.99 -20.43
CA LEU N 19 -0.73 14.53 -19.23
C LEU N 19 -0.46 13.39 -18.28
N LYS N 20 0.50 13.56 -17.37
CA LYS N 20 0.79 12.50 -16.42
C LYS N 20 -0.16 12.61 -15.23
N ASN N 21 -1.45 12.74 -15.55
CA ASN N 21 -2.50 12.76 -14.54
C ASN N 21 -3.65 11.85 -14.91
N GLY N 22 -3.47 11.03 -15.94
CA GLY N 22 -4.53 10.13 -16.37
C GLY N 22 -5.40 10.90 -17.35
N GLU N 23 -5.19 12.22 -17.40
CA GLU N 23 -6.01 13.11 -18.19
C GLU N 23 -5.58 13.19 -19.64
N ILE N 24 -6.56 13.29 -20.52
CA ILE N 24 -6.33 13.21 -21.96
C ILE N 24 -6.82 14.50 -22.60
N ILE N 25 -6.08 15.02 -23.57
CA ILE N 25 -6.49 16.28 -24.19
C ILE N 25 -6.46 16.29 -25.74
N GLN N 26 -7.64 16.25 -26.35
CA GLN N 26 -7.74 16.44 -27.80
C GLN N 26 -7.75 17.93 -28.09
N GLY N 27 -7.11 18.36 -29.17
CA GLY N 27 -7.12 19.78 -29.50
C GLY N 27 -6.18 20.14 -30.62
N ILE N 28 -6.54 21.13 -31.42
CA ILE N 28 -5.66 21.57 -32.48
C ILE N 28 -4.65 22.50 -31.82
N LEU N 29 -3.48 22.66 -32.42
CA LEU N 29 -2.34 23.31 -31.77
C LEU N 29 -1.97 24.68 -32.36
N THR N 30 -1.97 25.72 -31.52
CA THR N 30 -1.72 27.08 -32.01
C THR N 30 -0.32 27.65 -31.76
N ASN N 31 0.40 27.10 -30.78
CA ASN N 31 1.80 27.52 -30.58
C ASN N 31 2.63 26.50 -29.78
N VAL N 32 3.94 26.50 -30.02
CA VAL N 32 4.85 25.61 -29.32
C VAL N 32 6.16 26.34 -29.03
N ASP N 33 6.89 25.87 -28.02
CA ASP N 33 8.16 26.49 -27.65
C ASP N 33 9.23 25.47 -27.27
N ASN N 34 10.46 25.94 -27.17
CA ASN N 34 11.60 25.07 -26.87
C ASN N 34 11.45 24.30 -25.56
N TRP N 35 10.31 24.48 -24.89
CA TRP N 35 10.06 23.79 -23.63
C TRP N 35 8.81 22.94 -23.71
N MET N 36 8.31 22.75 -24.92
CA MET N 36 7.12 21.94 -25.14
C MET N 36 5.90 22.59 -24.51
N ASN N 37 6.00 23.88 -24.22
CA ASN N 37 4.87 24.64 -23.71
C ASN N 37 3.91 24.93 -24.84
N LEU N 38 2.83 24.16 -24.91
CA LEU N 38 1.91 24.25 -26.04
C LEU N 38 0.64 25.04 -25.72
N THR N 39 0.24 25.88 -26.66
CA THR N 39 -1.02 26.59 -26.59
C THR N 39 -1.91 25.94 -27.62
N LEU N 40 -2.90 25.20 -27.15
CA LEU N 40 -3.90 24.63 -28.03
C LEU N 40 -5.14 25.52 -28.13
N SER N 41 -5.91 25.32 -29.19
CA SER N 41 -7.17 26.02 -29.40
C SER N 41 -8.27 25.01 -29.71
N ASN N 42 -9.52 25.40 -29.48
CA ASN N 42 -10.64 24.49 -29.66
C ASN N 42 -10.32 23.15 -28.99
N VAL N 43 -10.27 23.16 -27.66
CA VAL N 43 -9.82 22.00 -26.91
C VAL N 43 -10.92 21.33 -26.10
N THR N 44 -10.62 20.12 -25.62
CA THR N 44 -11.52 19.34 -24.78
C THR N 44 -10.72 18.67 -23.66
N GLU N 45 -11.38 18.37 -22.54
CA GLU N 45 -10.70 17.79 -21.39
C GLU N 45 -11.36 16.50 -20.93
N TYR N 46 -10.54 15.55 -20.51
CA TYR N 46 -11.04 14.27 -20.00
C TYR N 46 -10.34 13.88 -18.71
N SER N 47 -11.05 13.18 -17.84
CA SER N 47 -10.48 12.74 -16.57
C SER N 47 -9.67 11.47 -16.74
N VAL N 64 -15.08 18.52 -21.16
CA VAL N 64 -14.87 19.95 -20.95
C VAL N 64 -14.30 20.59 -22.22
N LYS N 65 -15.09 21.46 -22.83
CA LYS N 65 -14.71 22.10 -24.08
C LYS N 65 -14.15 23.48 -23.77
N LEU N 66 -13.02 23.81 -24.39
CA LEU N 66 -12.37 25.09 -24.08
C LEU N 66 -11.76 25.81 -25.29
N ASN N 67 -11.74 27.14 -25.24
CA ASN N 67 -11.25 27.96 -26.36
C ASN N 67 -9.77 27.80 -26.59
N GLU N 68 -9.02 27.92 -25.50
CA GLU N 68 -7.56 27.91 -25.51
C GLU N 68 -7.17 26.95 -24.41
N ILE N 69 -5.87 26.65 -24.31
CA ILE N 69 -5.30 25.96 -23.15
C ILE N 69 -3.78 25.83 -23.22
N TYR N 70 -3.12 26.23 -22.14
CA TYR N 70 -1.67 26.21 -22.08
C TYR N 70 -1.27 25.06 -21.20
N ILE N 71 -0.18 24.39 -21.56
CA ILE N 71 0.29 23.23 -20.82
C ILE N 71 1.79 23.28 -20.59
N ARG N 72 2.21 22.95 -19.37
CA ARG N 72 3.63 22.89 -19.05
C ARG N 72 4.22 21.62 -19.62
N GLY N 73 5.28 21.76 -20.40
CA GLY N 73 5.90 20.62 -21.05
C GLY N 73 6.19 19.47 -20.11
N THR N 74 6.67 19.80 -18.92
CA THR N 74 7.08 18.78 -17.98
C THR N 74 5.91 18.02 -17.39
N PHE N 75 4.70 18.27 -17.89
CA PHE N 75 3.55 17.50 -17.42
C PHE N 75 2.98 16.45 -18.40
N ILE N 76 3.67 16.23 -19.52
CA ILE N 76 3.14 15.34 -20.55
C ILE N 76 3.92 14.03 -20.69
N LYS N 77 3.25 12.91 -20.46
CA LYS N 77 3.86 11.62 -20.70
C LYS N 77 4.12 11.34 -22.18
N PHE N 78 3.14 11.66 -23.02
CA PHE N 78 3.23 11.38 -24.45
C PHE N 78 2.27 12.21 -25.29
N ILE N 79 2.51 12.27 -26.60
CA ILE N 79 1.69 13.03 -27.51
C ILE N 79 1.30 12.21 -28.75
N LYS N 80 0.09 11.63 -28.74
CA LYS N 80 -0.42 10.92 -29.90
C LYS N 80 -0.79 11.88 -31.04
N LEU N 81 -0.27 11.60 -32.24
CA LEU N 81 -0.62 12.38 -33.41
C LEU N 81 -1.45 11.57 -34.43
N GLN N 82 -1.63 12.16 -35.61
CA GLN N 82 -2.48 11.60 -36.64
C GLN N 82 -1.66 10.69 -37.55
#